data_4MI9
#
_entry.id   4MI9
#
_cell.length_a   128.810
_cell.length_b   128.810
_cell.length_c   116.720
_cell.angle_alpha   90.00
_cell.angle_beta   90.00
_cell.angle_gamma   90.00
#
_symmetry.space_group_name_H-M   'P 43 21 2'
#
loop_
_entity.id
_entity.type
_entity.pdbx_description
1 polymer 'Glycogen phosphorylase, muscle form'
2 non-polymer N-[(3R)-3-(4-ethylphenyl)butanoyl]-beta-D-glucopyranosylamine
3 water water
#
_entity_poly.entity_id   1
_entity_poly.type   'polypeptide(L)'
_entity_poly.pdbx_seq_one_letter_code
;QISVRGLAGVENVTELKKNFNRHLHFTLVKDRNVATPRDYYFALAHTVRDHLVGRWIRTQQHYYEKDPKRIYYLSLEFYM
GRTLQNTMVNLALENACDEATYQLGLDMEELEEIEEDAGLGNGGLGRLAACFLDSMATLGLAAYGYGIRYEFGIFNQKIC
GGWQMEEADDWLRYGNPWEKARPEFTLPVHFYGRVEHTSQGAKWVDTQVVLAMPYDTPVPGYRNNVVNTMRLWSAKAPND
FNLKDFNVGGYIQAVLDRNLAENISRVLYPNDNFFEGKELRLKQEYFVVAATLQDIIRRFKSSKFGCRDPVRTNFDAFPD
KVAIQLNDTHPSLAIPELMRVLVDLERLDWDKAWEVTVKTCAYTNHTVLPEALERWPVHLLETLLPRHLQIIYEINQRFL
NRVAAAFPGDVDRLRRMSLVEEGAVKRINMAHLCIAGSHAVNGVARIHSEILKKTIFKDFYELEPHKFQNKTNGITPRRW
LVLCNPGLAEIIAERIGEEYISDLDQLRKLLSYVDDEAFIRDVAKVKQENKLKFAAYLEREYKVHINPNSLFDVQVKRIH
EYKRQLLNCLHVITLYNRIKKEPNKFVVPRTVMIGGKAAPGYHMAKMIIKLITAIGDVVNHDPVVGDRLRVIFLENYRVS
LAEKVIPAADLSEQISTAGTEASGTGNM(LLP)FMLNGALTIGTMDGANVEMAEEAGEENFFIFGMRVEDVDRLDQRGYN
AQEYYDRIPELRQIIEQLSSGFFSPKQPDLFKDIVNMLMHHDRFKVFADYEEYVKCQERVSALYKNPREWTRMVIRNIAT
SGKFSSDRTIAQYAREIWGVEPSRQRLPA
;
_entity_poly.pdbx_strand_id   A
#
loop_
_chem_comp.id
_chem_comp.type
_chem_comp.name
_chem_comp.formula
26W saccharide N-[(3R)-3-(4-ethylphenyl)butanoyl]-beta-D-glucopyranosylamine 'C18 H27 N O6'
#
# COMPACT_ATOMS: atom_id res chain seq x y z
N GLN A 1 6.63 24.98 -19.07
CA GLN A 1 5.25 25.24 -19.57
C GLN A 1 4.28 25.60 -18.43
N ILE A 2 4.20 24.77 -17.38
CA ILE A 2 3.37 25.06 -16.20
C ILE A 2 4.21 25.33 -14.95
N SER A 3 3.73 26.25 -14.12
CA SER A 3 4.52 26.85 -13.03
C SER A 3 5.02 25.89 -11.94
N VAL A 4 4.15 25.02 -11.44
CA VAL A 4 4.53 24.08 -10.36
C VAL A 4 5.65 23.12 -10.76
N ARG A 5 5.90 22.98 -12.06
CA ARG A 5 7.00 22.17 -12.58
C ARG A 5 8.41 22.81 -12.54
N GLY A 6 8.51 24.04 -12.01
CA GLY A 6 9.82 24.69 -11.76
C GLY A 6 10.40 25.46 -12.94
N LEU A 7 11.61 25.99 -12.75
CA LEU A 7 12.31 26.82 -13.76
C LEU A 7 13.07 26.03 -14.82
N ALA A 8 13.02 26.51 -16.06
CA ALA A 8 13.88 25.99 -17.13
C ALA A 8 14.96 27.03 -17.49
N GLY A 9 15.91 27.23 -16.58
CA GLY A 9 17.04 28.14 -16.80
C GLY A 9 18.00 27.72 -17.91
N VAL A 10 18.56 28.72 -18.61
CA VAL A 10 19.45 28.49 -19.75
C VAL A 10 20.68 27.66 -19.35
N GLU A 11 21.28 28.02 -18.22
CA GLU A 11 22.45 27.30 -17.70
C GLU A 11 22.08 25.83 -17.38
N ASN A 12 20.95 25.65 -16.69
CA ASN A 12 20.50 24.32 -16.32
C ASN A 12 20.17 23.42 -17.50
N VAL A 13 19.46 23.96 -18.47
CA VAL A 13 19.08 23.19 -19.65
C VAL A 13 20.34 22.77 -20.40
N THR A 14 21.29 23.69 -20.52
CA THR A 14 22.54 23.42 -21.24
C THR A 14 23.33 22.29 -20.55
N GLU A 15 23.44 22.35 -19.23
CA GLU A 15 24.14 21.35 -18.44
C GLU A 15 23.47 19.96 -18.51
N LEU A 16 22.15 19.91 -18.43
CA LEU A 16 21.41 18.66 -18.58
C LEU A 16 21.63 18.02 -19.94
N LYS A 17 21.60 18.83 -21.00
CA LYS A 17 21.88 18.32 -22.34
C LYS A 17 23.27 17.69 -22.45
N LYS A 18 24.27 18.34 -21.88
CA LYS A 18 25.62 17.79 -22.00
C LYS A 18 25.79 16.52 -21.16
N ASN A 19 25.20 16.48 -19.97
CA ASN A 19 25.27 15.27 -19.15
C ASN A 19 24.48 14.11 -19.74
N PHE A 20 23.35 14.39 -20.37
CA PHE A 20 22.59 13.39 -21.11
C PHE A 20 23.45 12.73 -22.20
N ASN A 21 24.11 13.57 -23.00
CA ASN A 21 24.95 13.07 -24.08
C ASN A 21 26.16 12.32 -23.55
N ARG A 22 26.70 12.77 -22.42
CA ARG A 22 27.79 12.09 -21.77
C ARG A 22 27.37 10.66 -21.36
N HIS A 23 26.23 10.54 -20.68
CA HIS A 23 25.78 9.21 -20.26
C HIS A 23 25.48 8.30 -21.43
N LEU A 24 24.91 8.84 -22.49
CA LEU A 24 24.56 8.02 -23.64
C LEU A 24 25.81 7.35 -24.22
N HIS A 25 26.90 8.10 -24.25
CA HIS A 25 28.17 7.71 -24.86
C HIS A 25 28.94 6.80 -23.90
N PHE A 26 29.26 7.32 -22.73
CA PHE A 26 30.15 6.63 -21.77
C PHE A 26 29.46 5.57 -20.89
N THR A 27 28.21 5.82 -20.50
CA THR A 27 27.51 4.90 -19.60
C THR A 27 26.80 3.83 -20.39
N LEU A 28 26.08 4.23 -21.42
CA LEU A 28 25.32 3.27 -22.19
C LEU A 28 26.13 2.66 -23.33
N VAL A 29 27.20 3.35 -23.76
CA VAL A 29 28.04 2.92 -24.90
C VAL A 29 27.21 2.79 -26.16
N LYS A 30 26.52 3.88 -26.50
CA LYS A 30 25.77 3.96 -27.75
C LYS A 30 26.07 5.30 -28.42
N ASP A 31 25.68 5.45 -29.69
CA ASP A 31 25.53 6.80 -30.29
C ASP A 31 24.11 6.97 -30.80
N ARG A 32 23.77 8.17 -31.24
CA ARG A 32 22.39 8.51 -31.65
C ARG A 32 21.86 7.66 -32.81
N ASN A 33 22.74 7.03 -33.59
CA ASN A 33 22.31 6.22 -34.74
C ASN A 33 21.68 4.90 -34.34
N VAL A 34 22.18 4.30 -33.27
CA VAL A 34 21.70 2.99 -32.83
C VAL A 34 20.77 3.04 -31.61
N ALA A 35 20.65 4.22 -30.98
CA ALA A 35 19.93 4.33 -29.71
C ALA A 35 18.42 4.17 -29.87
N THR A 36 17.82 3.38 -28.96
CA THR A 36 16.37 3.22 -28.88
C THR A 36 15.78 4.10 -27.81
N PRO A 37 14.44 4.22 -27.77
CA PRO A 37 13.87 5.01 -26.69
C PRO A 37 14.29 4.52 -25.30
N ARG A 38 14.54 3.23 -25.12
CA ARG A 38 14.96 2.73 -23.80
C ARG A 38 16.34 3.25 -23.42
N ASP A 39 17.23 3.35 -24.41
CA ASP A 39 18.54 3.95 -24.17
C ASP A 39 18.39 5.39 -23.70
N TYR A 40 17.50 6.12 -24.36
CA TYR A 40 17.25 7.50 -24.01
C TYR A 40 16.68 7.64 -22.61
N TYR A 41 15.72 6.79 -22.24
CA TYR A 41 15.26 6.72 -20.85
C TYR A 41 16.43 6.57 -19.88
N PHE A 42 17.30 5.59 -20.12
CA PHE A 42 18.41 5.36 -19.21
C PHE A 42 19.37 6.55 -19.13
N ALA A 43 19.61 7.21 -20.26
CA ALA A 43 20.48 8.38 -20.26
C ALA A 43 19.88 9.49 -19.38
N LEU A 44 18.58 9.67 -19.45
CA LEU A 44 17.90 10.67 -18.60
C LEU A 44 17.95 10.27 -17.13
N ALA A 45 17.62 9.02 -16.83
CA ALA A 45 17.64 8.53 -15.44
C ALA A 45 19.03 8.72 -14.80
N HIS A 46 20.10 8.40 -15.53
CA HIS A 46 21.44 8.61 -14.99
C HIS A 46 21.73 10.10 -14.78
N THR A 47 21.21 10.95 -15.66
CA THR A 47 21.43 12.39 -15.56
C THR A 47 20.74 12.95 -14.31
N VAL A 48 19.50 12.52 -14.08
CA VAL A 48 18.76 12.95 -12.88
C VAL A 48 19.37 12.39 -11.60
N ARG A 49 19.79 11.13 -11.64
CA ARG A 49 20.45 10.48 -10.51
C ARG A 49 21.67 11.25 -10.05
N ASP A 50 22.46 11.76 -10.97
CA ASP A 50 23.66 12.54 -10.60
C ASP A 50 23.30 13.72 -9.70
N HIS A 51 22.16 14.36 -9.93
CA HIS A 51 21.71 15.47 -9.06
C HIS A 51 21.31 15.06 -7.65
N LEU A 52 20.97 13.78 -7.47
CA LEU A 52 20.68 13.25 -6.15
C LEU A 52 21.93 13.04 -5.29
N VAL A 53 23.06 12.68 -5.90
CA VAL A 53 24.11 12.03 -5.09
C VAL A 53 24.80 12.98 -4.14
N GLY A 54 25.02 14.22 -4.57
CA GLY A 54 25.63 15.20 -3.70
C GLY A 54 24.80 15.40 -2.45
N ARG A 55 23.50 15.54 -2.65
CA ARG A 55 22.56 15.71 -1.53
C ARG A 55 22.45 14.46 -0.64
N TRP A 56 22.51 13.28 -1.26
CA TRP A 56 22.54 12.01 -0.52
C TRP A 56 23.75 11.90 0.39
N ILE A 57 24.94 12.13 -0.15
CA ILE A 57 26.14 12.09 0.64
C ILE A 57 26.10 13.13 1.77
N ARG A 58 25.64 14.33 1.48
CA ARG A 58 25.70 15.37 2.50
C ARG A 58 24.60 15.20 3.56
N THR A 59 23.45 14.62 3.18
CA THR A 59 22.43 14.27 4.18
C THR A 59 23.00 13.24 5.16
N GLN A 60 23.60 12.16 4.65
CA GLN A 60 24.08 11.09 5.54
C GLN A 60 25.25 11.58 6.42
N GLN A 61 26.11 12.44 5.88
CA GLN A 61 27.16 13.08 6.67
C GLN A 61 26.55 13.98 7.77
N HIS A 62 25.52 14.75 7.41
CA HIS A 62 24.80 15.57 8.38
C HIS A 62 24.27 14.75 9.56
N TYR A 63 23.63 13.61 9.28
CA TYR A 63 23.16 12.75 10.38
C TYR A 63 24.31 12.18 11.21
N TYR A 64 25.44 11.90 10.59
CA TYR A 64 26.60 11.46 11.35
C TYR A 64 27.11 12.56 12.32
N GLU A 65 27.16 13.81 11.86
CA GLU A 65 27.64 14.93 12.70
C GLU A 65 26.67 15.24 13.84
N LYS A 66 25.38 15.38 13.50
CA LYS A 66 24.37 15.77 14.47
C LYS A 66 23.84 14.65 15.39
N ASP A 67 23.99 13.39 14.96
CA ASP A 67 23.54 12.23 15.73
C ASP A 67 22.11 12.33 16.28
N PRO A 68 21.13 12.58 15.40
CA PRO A 68 19.73 12.64 15.87
C PRO A 68 19.22 11.23 16.15
N LYS A 69 18.09 11.14 16.84
CA LYS A 69 17.40 9.86 16.96
C LYS A 69 17.03 9.35 15.58
N ARG A 70 17.32 8.08 15.34
CA ARG A 70 17.09 7.46 14.03
C ARG A 70 15.81 6.65 14.04
N ILE A 71 15.02 6.77 12.99
CA ILE A 71 13.77 6.04 12.85
C ILE A 71 13.96 4.91 11.83
N TYR A 72 13.69 3.68 12.23
CA TYR A 72 13.81 2.50 11.34
C TYR A 72 12.44 1.92 11.05
N TYR A 73 12.03 2.00 9.79
CA TYR A 73 10.71 1.57 9.39
C TYR A 73 10.86 0.20 8.71
N LEU A 74 10.46 -0.87 9.41
CA LEU A 74 10.64 -2.24 8.94
C LEU A 74 9.37 -2.73 8.26
N SER A 75 9.50 -3.13 7.01
CA SER A 75 8.37 -3.60 6.22
C SER A 75 8.81 -4.71 5.28
N LEU A 76 7.95 -5.69 5.06
CA LEU A 76 8.23 -6.70 4.05
C LEU A 76 7.83 -6.20 2.66
N GLU A 77 7.20 -5.03 2.59
CA GLU A 77 6.68 -4.50 1.33
C GLU A 77 6.93 -3.01 1.23
N PHE A 78 7.45 -2.59 0.06
CA PHE A 78 7.59 -1.18 -0.33
C PHE A 78 7.09 -1.05 -1.76
N TYR A 79 5.89 -0.50 -1.94
CA TYR A 79 5.31 -0.47 -3.27
C TYR A 79 5.63 0.90 -3.90
N MET A 80 6.80 1.00 -4.53
CA MET A 80 7.39 2.31 -4.86
C MET A 80 6.90 2.90 -6.16
N GLY A 81 6.52 2.05 -7.12
CA GLY A 81 6.20 2.50 -8.47
C GLY A 81 7.43 3.01 -9.21
N ARG A 82 7.22 3.90 -10.17
CA ARG A 82 8.32 4.54 -10.92
C ARG A 82 8.98 5.66 -10.16
N THR A 83 10.26 5.88 -10.45
CA THR A 83 11.12 6.81 -9.70
C THR A 83 11.49 8.11 -10.48
N LEU A 84 11.52 8.07 -11.81
CA LEU A 84 12.11 9.20 -12.57
C LEU A 84 11.34 10.50 -12.35
N GLN A 85 10.02 10.48 -12.56
CA GLN A 85 9.22 11.71 -12.42
C GLN A 85 9.21 12.19 -10.98
N ASN A 86 9.04 11.26 -10.04
CA ASN A 86 9.02 11.64 -8.62
C ASN A 86 10.29 12.38 -8.21
N THR A 87 11.43 11.90 -8.70
CA THR A 87 12.71 12.53 -8.41
C THR A 87 12.79 13.96 -8.99
N MET A 88 12.32 14.11 -10.22
CA MET A 88 12.32 15.40 -10.90
C MET A 88 11.44 16.39 -10.16
N VAL A 89 10.26 15.92 -9.78
CA VAL A 89 9.35 16.74 -8.95
C VAL A 89 10.02 17.23 -7.67
N ASN A 90 10.57 16.32 -6.87
CA ASN A 90 11.15 16.66 -5.59
C ASN A 90 12.41 17.53 -5.67
N LEU A 91 13.08 17.49 -6.81
CA LEU A 91 14.30 18.28 -7.03
C LEU A 91 14.03 19.56 -7.87
N ALA A 92 12.79 19.77 -8.28
CA ALA A 92 12.38 20.93 -9.06
C ALA A 92 13.00 20.96 -10.46
N LEU A 93 13.14 19.79 -11.08
CA LEU A 93 13.84 19.63 -12.36
C LEU A 93 12.94 19.26 -13.52
N GLU A 94 11.64 19.18 -13.29
CA GLU A 94 10.76 18.64 -14.31
C GLU A 94 10.73 19.51 -15.61
N ASN A 95 10.59 20.82 -15.46
CA ASN A 95 10.51 21.70 -16.63
C ASN A 95 11.87 21.81 -17.34
N ALA A 96 12.94 21.82 -16.57
CA ALA A 96 14.28 21.86 -17.13
C ALA A 96 14.58 20.60 -17.94
N CYS A 97 14.22 19.41 -17.42
CA CYS A 97 14.39 18.16 -18.16
C CYS A 97 13.46 18.07 -19.38
N ASP A 98 12.26 18.63 -19.25
CA ASP A 98 11.33 18.66 -20.37
C ASP A 98 11.93 19.49 -21.53
N GLU A 99 12.44 20.65 -21.19
CA GLU A 99 13.10 21.54 -22.17
C GLU A 99 14.34 20.88 -22.78
N ALA A 100 15.26 20.42 -21.94
CA ALA A 100 16.47 19.73 -22.39
C ALA A 100 16.19 18.59 -23.36
N THR A 101 15.23 17.72 -23.02
CA THR A 101 14.91 16.60 -23.89
C THR A 101 14.21 17.05 -25.19
N TYR A 102 13.32 18.04 -25.07
CA TYR A 102 12.67 18.63 -26.25
C TYR A 102 13.74 19.13 -27.25
N GLN A 103 14.74 19.84 -26.75
CA GLN A 103 15.83 20.37 -27.60
C GLN A 103 16.71 19.30 -28.24
N LEU A 104 16.73 18.12 -27.63
CA LEU A 104 17.42 16.96 -28.16
C LEU A 104 16.53 16.17 -29.11
N GLY A 105 15.30 16.60 -29.30
CA GLY A 105 14.37 15.94 -30.22
C GLY A 105 13.63 14.76 -29.62
N LEU A 106 13.44 14.75 -28.30
CA LEU A 106 12.78 13.63 -27.63
C LEU A 106 11.59 14.14 -26.85
N ASP A 107 10.61 13.27 -26.63
CA ASP A 107 9.45 13.56 -25.80
C ASP A 107 9.62 12.86 -24.44
N MET A 108 9.71 13.64 -23.38
CA MET A 108 10.02 13.13 -22.05
C MET A 108 8.94 12.22 -21.48
N GLU A 109 7.68 12.51 -21.78
CA GLU A 109 6.57 11.69 -21.31
C GLU A 109 6.63 10.28 -21.87
N GLU A 110 7.14 10.17 -23.09
CA GLU A 110 7.31 8.88 -23.74
C GLU A 110 8.44 8.09 -23.09
N LEU A 111 9.51 8.78 -22.71
CA LEU A 111 10.61 8.13 -22.02
C LEU A 111 10.18 7.67 -20.62
N GLU A 112 9.35 8.48 -19.95
CA GLU A 112 8.81 8.10 -18.64
C GLU A 112 8.06 6.76 -18.64
N GLU A 113 7.35 6.47 -19.73
CA GLU A 113 6.60 5.22 -19.87
C GLU A 113 7.44 3.94 -20.01
N ILE A 114 8.74 4.09 -20.26
CA ILE A 114 9.62 2.94 -20.38
C ILE A 114 10.02 2.34 -19.03
N GLU A 115 10.03 3.15 -17.98
CA GLU A 115 10.51 2.69 -16.68
C GLU A 115 9.55 1.62 -16.11
N GLU A 116 10.10 0.56 -15.54
CA GLU A 116 9.29 -0.48 -14.88
C GLU A 116 8.85 0.05 -13.52
N ASP A 117 7.63 -0.25 -13.07
CA ASP A 117 7.34 -0.07 -11.63
C ASP A 117 8.23 -0.92 -10.75
N ALA A 118 8.64 -0.37 -9.63
CA ALA A 118 9.18 -1.21 -8.57
C ALA A 118 7.97 -1.73 -7.78
N GLY A 119 7.52 -2.92 -8.13
CA GLY A 119 6.32 -3.51 -7.55
C GLY A 119 6.58 -4.41 -6.37
N LEU A 120 7.28 -3.91 -5.36
CA LEU A 120 7.70 -4.72 -4.23
C LEU A 120 6.64 -4.74 -3.11
N GLY A 121 5.37 -4.73 -3.49
CA GLY A 121 4.25 -4.85 -2.55
C GLY A 121 2.99 -5.28 -3.26
N ASN A 122 1.96 -5.59 -2.47
CA ASN A 122 0.71 -6.10 -2.96
C ASN A 122 -0.36 -5.04 -3.17
N GLY A 123 -0.37 -4.04 -2.31
CA GLY A 123 -1.48 -3.09 -2.27
C GLY A 123 -1.29 -2.05 -1.22
N GLY A 124 -2.30 -1.88 -0.36
CA GLY A 124 -2.37 -0.75 0.57
C GLY A 124 -1.23 -0.64 1.57
N LEU A 125 -0.87 -1.77 2.19
CA LEU A 125 0.20 -1.77 3.17
C LEU A 125 1.53 -1.36 2.55
N GLY A 126 1.84 -1.93 1.39
CA GLY A 126 3.08 -1.61 0.67
C GLY A 126 3.15 -0.18 0.18
N ARG A 127 2.03 0.34 -0.30
CA ARG A 127 2.00 1.70 -0.82
C ARG A 127 2.05 2.71 0.32
N LEU A 128 1.47 2.37 1.47
CA LEU A 128 1.59 3.23 2.65
C LEU A 128 3.04 3.43 3.07
N ALA A 129 3.81 2.35 3.10
CA ALA A 129 5.22 2.39 3.39
C ALA A 129 5.90 3.37 2.42
N ALA A 130 5.52 3.35 1.16
CA ALA A 130 6.16 4.20 0.16
C ALA A 130 5.81 5.70 0.37
N CYS A 131 4.55 5.99 0.62
CA CYS A 131 4.11 7.36 0.94
C CYS A 131 4.80 7.83 2.19
N PHE A 132 4.89 6.98 3.21
CA PHE A 132 5.59 7.31 4.43
C PHE A 132 7.05 7.67 4.22
N LEU A 133 7.79 6.94 3.38
CA LEU A 133 9.19 7.32 3.16
C LEU A 133 9.32 8.73 2.59
N ASP A 134 8.44 9.05 1.66
CA ASP A 134 8.41 10.37 1.01
C ASP A 134 8.14 11.47 2.05
N SER A 135 7.13 11.25 2.91
CA SER A 135 6.83 12.21 3.99
C SER A 135 7.94 12.33 5.01
N MET A 136 8.59 11.23 5.38
CA MET A 136 9.66 11.30 6.35
C MET A 136 10.87 12.14 5.85
N ALA A 137 11.22 12.00 4.58
CA ALA A 137 12.25 12.82 3.94
C ALA A 137 11.81 14.29 3.87
N THR A 138 10.54 14.51 3.53
CA THR A 138 9.99 15.88 3.39
C THR A 138 9.95 16.61 4.74
N LEU A 139 9.80 15.85 5.83
CA LEU A 139 9.77 16.40 7.16
C LEU A 139 11.12 16.37 7.89
N GLY A 140 12.19 16.04 7.17
CA GLY A 140 13.53 16.14 7.73
C GLY A 140 13.89 15.14 8.80
N LEU A 141 13.21 13.99 8.83
CA LEU A 141 13.48 12.96 9.84
C LEU A 141 14.63 12.09 9.39
N ALA A 142 15.46 11.65 10.34
CA ALA A 142 16.57 10.76 10.04
C ALA A 142 16.02 9.32 9.95
N ALA A 143 15.41 9.01 8.82
CA ALA A 143 14.61 7.79 8.66
C ALA A 143 15.21 6.86 7.63
N TYR A 144 15.10 5.57 7.90
CA TYR A 144 15.56 4.50 7.01
C TYR A 144 14.46 3.49 6.82
N GLY A 145 14.16 3.14 5.57
CA GLY A 145 13.23 2.06 5.28
C GLY A 145 14.09 0.81 5.07
N TYR A 146 13.72 -0.29 5.70
CA TYR A 146 14.44 -1.56 5.55
C TYR A 146 13.47 -2.63 5.09
N GLY A 147 13.87 -3.37 4.07
CA GLY A 147 13.07 -4.44 3.50
C GLY A 147 13.92 -5.45 2.77
N ILE A 148 13.26 -6.14 1.83
CA ILE A 148 13.87 -7.16 1.00
C ILE A 148 13.85 -6.75 -0.46
N ARG A 149 14.97 -6.97 -1.13
CA ARG A 149 15.04 -6.74 -2.57
C ARG A 149 14.56 -7.98 -3.30
N TYR A 150 13.27 -8.07 -3.55
CA TYR A 150 12.75 -9.23 -4.25
C TYR A 150 13.19 -9.16 -5.70
N GLU A 151 13.64 -10.29 -6.24
CA GLU A 151 13.99 -10.36 -7.66
CA GLU A 151 13.97 -10.34 -7.67
C GLU A 151 12.73 -10.24 -8.53
N PHE A 152 11.62 -10.80 -8.03
CA PHE A 152 10.33 -10.74 -8.69
C PHE A 152 9.34 -10.12 -7.72
N GLY A 153 8.74 -9.02 -8.15
CA GLY A 153 7.72 -8.33 -7.36
C GLY A 153 6.36 -8.92 -7.62
N ILE A 154 5.32 -8.12 -7.44
CA ILE A 154 3.96 -8.61 -7.67
C ILE A 154 3.81 -8.99 -9.16
N PHE A 155 3.21 -10.14 -9.43
CA PHE A 155 3.07 -10.59 -10.80
C PHE A 155 2.36 -9.61 -11.72
N ASN A 156 2.72 -9.68 -13.00
CA ASN A 156 1.95 -8.99 -14.03
C ASN A 156 0.71 -9.82 -14.34
N GLN A 157 -0.44 -9.16 -14.34
CA GLN A 157 -1.72 -9.80 -14.65
C GLN A 157 -2.04 -9.67 -16.13
N LYS A 158 -2.33 -10.81 -16.76
CA LYS A 158 -2.86 -10.87 -18.10
C LYS A 158 -4.25 -11.46 -17.98
N ILE A 159 -5.17 -10.99 -18.82
CA ILE A 159 -6.51 -11.57 -18.88
C ILE A 159 -6.64 -12.37 -20.18
N CYS A 160 -6.93 -13.67 -20.06
CA CYS A 160 -7.05 -14.58 -21.20
C CYS A 160 -8.39 -15.30 -21.13
N GLY A 161 -9.26 -15.01 -22.09
CA GLY A 161 -10.61 -15.59 -22.10
C GLY A 161 -11.43 -15.16 -20.90
N GLY A 162 -11.14 -13.97 -20.39
CA GLY A 162 -11.78 -13.49 -19.16
C GLY A 162 -11.16 -13.94 -17.84
N TRP A 163 -10.13 -14.79 -17.89
CA TRP A 163 -9.51 -15.32 -16.68
C TRP A 163 -8.19 -14.63 -16.38
N GLN A 164 -7.87 -14.43 -15.11
CA GLN A 164 -6.54 -13.96 -14.73
C GLN A 164 -5.47 -15.02 -15.02
N MET A 165 -4.41 -14.61 -15.69
CA MET A 165 -3.17 -15.39 -15.80
C MET A 165 -2.05 -14.54 -15.15
N GLU A 166 -1.12 -15.21 -14.49
CA GLU A 166 -0.02 -14.54 -13.81
C GLU A 166 1.23 -14.76 -14.59
N GLU A 167 2.03 -13.72 -14.79
CA GLU A 167 3.38 -13.92 -15.23
C GLU A 167 4.37 -13.14 -14.42
N ALA A 168 5.58 -13.69 -14.35
CA ALA A 168 6.62 -13.16 -13.51
C ALA A 168 7.00 -11.74 -13.89
N ASP A 169 7.18 -10.92 -12.87
CA ASP A 169 7.53 -9.51 -13.00
C ASP A 169 9.06 -9.40 -12.88
N ASP A 170 9.74 -9.59 -13.99
CA ASP A 170 11.20 -9.60 -14.04
C ASP A 170 11.69 -8.14 -14.14
N TRP A 171 11.42 -7.39 -13.09
CA TRP A 171 11.61 -5.93 -13.11
C TRP A 171 13.08 -5.47 -13.19
N LEU A 172 14.03 -6.35 -12.91
CA LEU A 172 15.45 -5.98 -12.90
C LEU A 172 16.16 -6.31 -14.23
N ARG A 173 15.39 -6.79 -15.20
CA ARG A 173 15.93 -7.36 -16.44
C ARG A 173 16.90 -6.41 -17.14
N TYR A 174 16.53 -5.13 -17.20
CA TYR A 174 17.32 -4.11 -17.91
C TYR A 174 18.21 -3.29 -16.97
N GLY A 175 18.24 -3.65 -15.70
CA GLY A 175 18.98 -2.89 -14.69
C GLY A 175 18.09 -1.90 -13.97
N ASN A 176 18.54 -1.50 -12.78
CA ASN A 176 17.86 -0.54 -11.96
C ASN A 176 18.87 0.57 -11.68
N PRO A 177 18.72 1.73 -12.34
CA PRO A 177 19.69 2.80 -12.19
C PRO A 177 19.66 3.51 -10.84
N TRP A 178 18.59 3.33 -10.07
CA TRP A 178 18.38 4.05 -8.83
C TRP A 178 19.12 3.43 -7.65
N GLU A 179 19.33 2.11 -7.65
CA GLU A 179 19.96 1.46 -6.52
C GLU A 179 21.49 1.49 -6.59
N LYS A 180 22.13 1.41 -5.44
CA LYS A 180 23.57 1.19 -5.33
C LYS A 180 23.83 -0.03 -4.45
N ALA A 181 24.39 -1.08 -5.04
CA ALA A 181 24.82 -2.25 -4.27
C ALA A 181 25.90 -1.85 -3.31
N ARG A 182 25.85 -2.42 -2.11
CA ARG A 182 26.83 -2.13 -1.10
C ARG A 182 27.39 -3.46 -0.55
N PRO A 183 28.02 -4.28 -1.41
CA PRO A 183 28.53 -5.61 -1.00
C PRO A 183 29.50 -5.59 0.19
N GLU A 184 30.17 -4.45 0.38
CA GLU A 184 31.04 -4.24 1.53
C GLU A 184 30.35 -4.20 2.91
N PHE A 185 29.03 -4.04 2.95
CA PHE A 185 28.28 -4.03 4.23
C PHE A 185 27.45 -5.32 4.39
N THR A 186 27.85 -6.36 3.69
CA THR A 186 27.23 -7.67 3.77
C THR A 186 27.34 -8.25 5.18
N LEU A 187 26.26 -8.90 5.64
CA LEU A 187 26.12 -9.36 7.03
C LEU A 187 25.62 -10.81 7.04
N PRO A 188 26.05 -11.61 8.00
CA PRO A 188 25.55 -12.99 8.08
C PRO A 188 24.20 -13.12 8.82
N VAL A 189 23.34 -14.01 8.33
CA VAL A 189 22.09 -14.37 9.00
C VAL A 189 22.11 -15.89 9.25
N HIS A 190 21.73 -16.28 10.46
CA HIS A 190 21.72 -17.71 10.87
C HIS A 190 20.34 -18.37 10.89
N PHE A 191 20.32 -19.66 10.51
CA PHE A 191 19.12 -20.47 10.52
C PHE A 191 19.43 -21.89 11.06
N TYR A 192 18.37 -22.53 11.57
CA TYR A 192 18.39 -23.92 12.08
C TYR A 192 19.31 -24.01 13.30
N GLY A 193 20.11 -25.07 13.40
CA GLY A 193 21.02 -25.23 14.51
C GLY A 193 20.33 -25.68 15.80
N ARG A 194 20.95 -25.37 16.92
CA ARG A 194 20.45 -25.83 18.22
C ARG A 194 21.02 -24.96 19.31
N VAL A 195 20.40 -25.02 20.50
CA VAL A 195 20.80 -24.21 21.61
C VAL A 195 21.60 -25.04 22.62
N GLU A 196 22.76 -24.53 23.03
CA GLU A 196 23.57 -25.12 24.11
C GLU A 196 23.58 -24.19 25.27
N HIS A 197 23.45 -24.74 26.48
CA HIS A 197 23.57 -23.94 27.69
C HIS A 197 24.93 -24.13 28.31
N THR A 198 25.70 -23.06 28.42
CA THR A 198 26.96 -23.07 29.13
C THR A 198 26.70 -22.51 30.52
N SER A 199 27.75 -22.42 31.32
CA SER A 199 27.72 -21.66 32.57
C SER A 199 27.58 -20.16 32.26
N GLN A 200 28.11 -19.75 31.10
CA GLN A 200 28.06 -18.37 30.64
C GLN A 200 26.90 -18.12 29.65
N GLY A 201 25.71 -18.65 29.95
CA GLY A 201 24.50 -18.39 29.16
C GLY A 201 24.22 -19.33 27.99
N ALA A 202 23.15 -19.03 27.25
CA ALA A 202 22.79 -19.82 26.07
C ALA A 202 23.67 -19.44 24.89
N LYS A 203 23.84 -20.39 23.98
CA LYS A 203 24.64 -20.23 22.75
C LYS A 203 23.88 -20.91 21.63
N TRP A 204 23.75 -20.23 20.50
CA TRP A 204 23.05 -20.80 19.35
C TRP A 204 24.12 -21.30 18.38
N VAL A 205 24.21 -22.61 18.19
CA VAL A 205 25.31 -23.22 17.45
C VAL A 205 24.86 -24.13 16.33
N ASP A 206 25.82 -24.53 15.49
CA ASP A 206 25.62 -25.46 14.36
C ASP A 206 24.60 -24.93 13.36
N THR A 207 24.62 -23.63 13.17
CA THR A 207 23.65 -23.02 12.26
C THR A 207 24.12 -23.04 10.80
N GLN A 208 23.17 -22.86 9.89
CA GLN A 208 23.46 -22.57 8.50
C GLN A 208 23.45 -21.06 8.32
N VAL A 209 24.37 -20.55 7.52
CA VAL A 209 24.54 -19.11 7.31
C VAL A 209 24.09 -18.73 5.91
N VAL A 210 23.33 -17.65 5.81
CA VAL A 210 23.02 -17.00 4.54
C VAL A 210 23.48 -15.56 4.66
N LEU A 211 24.09 -15.00 3.62
CA LEU A 211 24.57 -13.63 3.70
C LEU A 211 23.48 -12.66 3.26
N ALA A 212 23.44 -11.49 3.89
CA ALA A 212 22.51 -10.44 3.50
C ALA A 212 23.35 -9.29 2.92
N MET A 213 23.20 -9.09 1.61
CA MET A 213 23.84 -8.00 0.90
C MET A 213 22.88 -6.82 0.69
N PRO A 214 23.25 -5.63 1.16
CA PRO A 214 22.36 -4.48 1.01
C PRO A 214 22.47 -3.71 -0.32
N TYR A 215 21.34 -3.22 -0.79
CA TYR A 215 21.27 -2.29 -1.92
C TYR A 215 20.54 -1.05 -1.42
N ASP A 216 21.13 0.12 -1.63
CA ASP A 216 20.60 1.38 -1.13
C ASP A 216 19.95 2.18 -2.25
N THR A 217 18.74 2.67 -1.99
CA THR A 217 18.02 3.53 -2.93
C THR A 217 17.75 4.87 -2.27
N PRO A 218 18.02 5.97 -2.99
CA PRO A 218 17.75 7.32 -2.44
C PRO A 218 16.27 7.67 -2.39
N VAL A 219 15.90 8.38 -1.33
CA VAL A 219 14.54 8.84 -1.13
C VAL A 219 14.57 10.37 -0.90
N PRO A 220 14.31 11.16 -1.96
CA PRO A 220 14.40 12.62 -1.87
C PRO A 220 13.19 13.26 -1.16
N GLY A 221 13.41 14.23 -0.28
CA GLY A 221 12.31 15.02 0.26
C GLY A 221 11.90 16.10 -0.74
N TYR A 222 10.77 16.75 -0.49
CA TYR A 222 10.27 17.76 -1.43
C TYR A 222 11.01 19.11 -1.24
N ARG A 223 11.90 19.39 -2.19
CA ARG A 223 12.61 20.68 -2.30
C ARG A 223 13.27 21.17 -1.01
N ASN A 224 13.78 20.22 -0.25
CA ASN A 224 14.47 20.52 1.00
C ASN A 224 15.92 20.00 1.05
N ASN A 225 16.38 19.46 -0.08
CA ASN A 225 17.70 18.86 -0.23
C ASN A 225 18.02 17.71 0.75
N VAL A 226 17.00 17.14 1.37
CA VAL A 226 17.18 15.93 2.19
C VAL A 226 17.04 14.72 1.26
N VAL A 227 17.96 13.76 1.41
CA VAL A 227 17.87 12.50 0.67
C VAL A 227 18.17 11.40 1.67
N ASN A 228 17.10 10.66 2.00
CA ASN A 228 17.18 9.55 2.93
C ASN A 228 17.43 8.26 2.16
N THR A 229 17.52 7.16 2.88
CA THR A 229 17.87 5.84 2.31
C THR A 229 16.82 4.77 2.57
N MET A 230 16.50 4.02 1.52
CA MET A 230 15.79 2.74 1.62
C MET A 230 16.83 1.65 1.39
N ARG A 231 17.07 0.82 2.41
CA ARG A 231 18.04 -0.29 2.29
C ARG A 231 17.29 -1.62 2.17
N LEU A 232 17.48 -2.32 1.03
CA LEU A 232 16.85 -3.60 0.77
C LEU A 232 17.91 -4.71 0.69
N TRP A 233 17.65 -5.81 1.40
CA TRP A 233 18.58 -6.89 1.55
C TRP A 233 18.33 -7.95 0.48
N SER A 234 19.43 -8.50 -0.03
CA SER A 234 19.43 -9.56 -1.03
C SER A 234 20.23 -10.75 -0.45
N ALA A 235 19.72 -11.95 -0.65
CA ALA A 235 20.29 -13.18 -0.07
C ALA A 235 21.41 -13.73 -0.95
N LYS A 236 22.55 -14.06 -0.34
CA LYS A 236 23.69 -14.63 -1.06
C LYS A 236 24.23 -15.83 -0.26
N ALA A 237 24.62 -16.87 -0.96
CA ALA A 237 25.22 -18.02 -0.28
C ALA A 237 26.68 -17.72 0.09
N PRO A 238 27.16 -18.22 1.23
CA PRO A 238 28.63 -18.09 1.44
C PRO A 238 29.44 -18.95 0.47
N ASN A 239 30.73 -18.64 0.28
CA ASN A 239 31.52 -19.30 -0.80
C ASN A 239 31.99 -20.75 -0.53
N ASP A 240 31.99 -21.13 0.74
CA ASP A 240 32.17 -22.53 1.11
C ASP A 240 30.83 -23.30 1.21
N PHE A 241 29.72 -22.69 0.75
CA PHE A 241 28.37 -23.28 0.86
C PHE A 241 28.26 -24.64 0.16
N ASN A 242 27.86 -25.65 0.93
CA ASN A 242 27.90 -27.08 0.52
C ASN A 242 29.32 -27.63 0.29
N LEU A 243 30.34 -26.78 0.45
CA LEU A 243 31.73 -27.10 0.09
C LEU A 243 32.64 -27.08 1.32
N GLY A 250 28.36 -33.33 -8.36
CA GLY A 250 29.12 -33.42 -7.10
C GLY A 250 29.63 -32.02 -6.70
N TYR A 251 30.83 -31.65 -7.18
CA TYR A 251 31.27 -30.26 -7.11
C TYR A 251 30.25 -29.38 -7.85
N ILE A 252 29.81 -29.85 -9.02
CA ILE A 252 28.85 -29.10 -9.83
C ILE A 252 27.54 -28.92 -9.05
N GLN A 253 27.01 -30.01 -8.50
CA GLN A 253 25.74 -29.93 -7.77
C GLN A 253 25.86 -28.99 -6.58
N ALA A 254 26.99 -28.97 -5.90
CA ALA A 254 27.18 -28.08 -4.74
C ALA A 254 27.09 -26.59 -5.13
N VAL A 255 27.63 -26.25 -6.30
CA VAL A 255 27.51 -24.90 -6.83
C VAL A 255 26.08 -24.59 -7.22
N LEU A 256 25.40 -25.54 -7.86
CA LEU A 256 24.01 -25.30 -8.29
C LEU A 256 23.08 -25.16 -7.09
N ASP A 257 23.41 -25.83 -5.99
CA ASP A 257 22.57 -25.78 -4.81
C ASP A 257 22.66 -24.47 -4.02
N ARG A 258 23.52 -23.54 -4.46
CA ARG A 258 23.58 -22.21 -3.82
C ARG A 258 22.23 -21.48 -3.97
N ASN A 259 21.50 -21.82 -5.03
CA ASN A 259 20.15 -21.30 -5.27
C ASN A 259 19.18 -21.51 -4.12
N LEU A 260 19.38 -22.54 -3.34
CA LEU A 260 18.52 -22.79 -2.20
C LEU A 260 18.59 -21.65 -1.16
N ALA A 261 19.80 -21.20 -0.82
CA ALA A 261 19.98 -20.05 0.06
C ALA A 261 19.44 -18.77 -0.55
N GLU A 262 19.68 -18.60 -1.84
CA GLU A 262 19.41 -17.34 -2.50
C GLU A 262 17.93 -17.17 -2.80
N ASN A 263 17.16 -18.27 -2.75
CA ASN A 263 15.72 -18.20 -2.93
C ASN A 263 14.96 -17.37 -1.90
N ILE A 264 15.59 -17.06 -0.79
CA ILE A 264 14.93 -16.27 0.27
C ILE A 264 14.46 -14.93 -0.29
N SER A 265 15.28 -14.30 -1.14
CA SER A 265 14.92 -12.99 -1.70
C SER A 265 14.37 -13.06 -3.13
N ARG A 266 13.91 -14.23 -3.57
CA ARG A 266 13.54 -14.38 -4.98
C ARG A 266 12.22 -13.73 -5.33
N VAL A 267 11.21 -13.89 -4.46
CA VAL A 267 9.85 -13.55 -4.87
C VAL A 267 8.96 -13.04 -3.72
N LEU A 268 8.20 -11.99 -4.02
CA LEU A 268 7.20 -11.48 -3.10
C LEU A 268 6.01 -12.44 -3.00
N TYR A 269 5.63 -12.83 -1.78
CA TYR A 269 4.37 -13.57 -1.57
C TYR A 269 3.17 -12.67 -1.92
N PRO A 270 2.31 -13.14 -2.83
CA PRO A 270 1.19 -12.32 -3.32
C PRO A 270 -0.14 -12.52 -2.58
N ASN A 271 -0.13 -13.23 -1.46
CA ASN A 271 -1.39 -13.50 -0.74
C ASN A 271 -1.58 -12.41 0.30
N ASP A 272 -2.52 -11.50 0.08
CA ASP A 272 -2.78 -10.44 1.05
C ASP A 272 -4.11 -10.68 1.77
N ASN A 273 -4.21 -10.20 3.00
CA ASN A 273 -5.30 -10.64 3.90
C ASN A 273 -5.65 -12.17 3.89
N PHE A 274 -4.64 -13.04 3.75
CA PHE A 274 -4.80 -14.48 4.07
C PHE A 274 -3.48 -15.18 4.46
N PHE A 275 -3.40 -15.68 5.69
CA PHE A 275 -2.14 -16.19 6.21
C PHE A 275 -1.89 -17.63 5.82
N GLU A 276 -0.73 -17.87 5.20
CA GLU A 276 -0.22 -19.20 4.93
C GLU A 276 1.11 -19.40 5.64
N GLY A 277 1.15 -20.41 6.50
CA GLY A 277 2.34 -20.72 7.28
C GLY A 277 3.39 -21.45 6.47
N LYS A 278 4.01 -20.77 5.51
CA LYS A 278 5.03 -21.39 4.68
C LYS A 278 6.43 -21.09 5.22
N GLU A 279 7.28 -22.11 5.24
CA GLU A 279 8.64 -21.96 5.74
C GLU A 279 9.42 -20.86 5.02
N LEU A 280 9.35 -20.81 3.70
CA LEU A 280 10.11 -19.80 2.98
C LEU A 280 9.70 -18.35 3.41
N ARG A 281 8.42 -18.14 3.70
CA ARG A 281 7.97 -16.82 4.17
C ARG A 281 8.55 -16.50 5.54
N LEU A 282 8.60 -17.49 6.41
CA LEU A 282 9.20 -17.28 7.72
C LEU A 282 10.68 -16.93 7.60
N LYS A 283 11.38 -17.62 6.70
CA LYS A 283 12.77 -17.29 6.43
C LYS A 283 12.94 -15.83 5.95
N GLN A 284 12.05 -15.36 5.11
CA GLN A 284 12.11 -13.97 4.64
C GLN A 284 11.94 -12.99 5.80
N GLU A 285 10.99 -13.27 6.69
CA GLU A 285 10.73 -12.41 7.83
C GLU A 285 11.93 -12.34 8.77
N TYR A 286 12.55 -13.48 9.05
CA TYR A 286 13.73 -13.46 9.91
C TYR A 286 14.94 -12.80 9.25
N PHE A 287 15.12 -13.08 7.96
CA PHE A 287 16.20 -12.53 7.17
C PHE A 287 16.22 -11.01 7.24
N VAL A 288 15.07 -10.38 7.00
CA VAL A 288 15.05 -8.91 7.04
C VAL A 288 15.32 -8.35 8.45
N VAL A 289 14.75 -9.02 9.45
CA VAL A 289 14.91 -8.61 10.84
C VAL A 289 16.35 -8.76 11.35
N ALA A 290 16.98 -9.89 11.04
CA ALA A 290 18.31 -10.17 11.59
C ALA A 290 19.35 -9.27 10.96
N ALA A 291 19.29 -9.09 9.64
CA ALA A 291 20.24 -8.20 8.96
C ALA A 291 20.08 -6.73 9.43
N THR A 292 18.82 -6.30 9.50
CA THR A 292 18.48 -4.91 9.86
C THR A 292 18.95 -4.58 11.27
N LEU A 293 18.65 -5.44 12.23
CA LEU A 293 19.05 -5.19 13.62
C LEU A 293 20.57 -5.14 13.81
N GLN A 294 21.34 -5.99 13.12
CA GLN A 294 22.81 -5.86 13.16
C GLN A 294 23.27 -4.51 12.65
N ASP A 295 22.62 -4.05 11.59
CA ASP A 295 22.96 -2.78 10.97
C ASP A 295 22.63 -1.63 11.92
N ILE A 296 21.46 -1.72 12.57
CA ILE A 296 21.05 -0.73 13.59
C ILE A 296 22.05 -0.64 14.75
N ILE A 297 22.44 -1.79 15.28
CA ILE A 297 23.32 -1.83 16.42
C ILE A 297 24.71 -1.30 16.05
N ARG A 298 25.21 -1.68 14.87
CA ARG A 298 26.50 -1.18 14.36
C ARG A 298 26.50 0.33 14.30
N ARG A 299 25.45 0.90 13.71
CA ARG A 299 25.32 2.34 13.57
C ARG A 299 25.23 3.03 14.92
N PHE A 300 24.54 2.42 15.88
CA PHE A 300 24.44 2.95 17.24
C PHE A 300 25.78 2.95 17.98
N LYS A 301 26.58 1.89 17.79
CA LYS A 301 27.87 1.77 18.47
C LYS A 301 28.92 2.71 17.90
N SER A 302 28.73 3.13 16.65
CA SER A 302 29.68 4.02 15.98
C SER A 302 29.26 5.48 16.11
N SER A 303 28.88 5.86 17.31
CA SER A 303 28.62 7.27 17.64
C SER A 303 29.90 7.89 18.21
N ASN A 314 26.81 1.28 26.25
CA ASN A 314 25.72 1.52 27.20
C ASN A 314 24.36 1.58 26.50
N PHE A 315 23.59 0.51 26.67
CA PHE A 315 22.30 0.36 25.98
C PHE A 315 21.14 1.08 26.65
N ASP A 316 21.35 1.70 27.81
CA ASP A 316 20.31 2.54 28.40
C ASP A 316 19.90 3.69 27.49
N ALA A 317 20.82 4.17 26.66
CA ALA A 317 20.50 5.26 25.75
C ALA A 317 19.95 4.74 24.39
N PHE A 318 19.88 3.42 24.21
CA PHE A 318 19.44 2.86 22.93
C PHE A 318 18.09 3.41 22.48
N PRO A 319 17.08 3.41 23.38
CA PRO A 319 15.76 3.95 22.99
C PRO A 319 15.71 5.47 22.78
N ASP A 320 16.72 6.19 23.26
CA ASP A 320 16.87 7.61 22.95
C ASP A 320 17.42 7.87 21.57
N LYS A 321 18.07 6.87 20.98
CA LYS A 321 18.73 7.03 19.70
C LYS A 321 18.13 6.16 18.59
N VAL A 322 17.22 5.26 18.96
CA VAL A 322 16.64 4.32 18.00
C VAL A 322 15.13 4.17 18.22
N ALA A 323 14.38 4.30 17.12
CA ALA A 323 12.98 3.85 17.09
C ALA A 323 12.80 2.81 15.98
N ILE A 324 12.12 1.72 16.30
CA ILE A 324 11.80 0.68 15.32
C ILE A 324 10.28 0.57 15.19
N GLN A 325 9.78 0.83 13.99
CA GLN A 325 8.36 0.71 13.69
C GLN A 325 8.12 -0.57 12.89
N LEU A 326 7.25 -1.43 13.43
CA LEU A 326 6.90 -2.70 12.81
C LEU A 326 5.65 -2.50 11.97
N ASN A 327 5.77 -2.69 10.66
CA ASN A 327 4.65 -2.56 9.73
C ASN A 327 3.89 -3.88 9.69
N ASP A 328 2.86 -3.97 10.55
CA ASP A 328 2.13 -5.19 10.85
C ASP A 328 3.06 -6.17 11.58
N THR A 329 2.66 -7.42 11.71
CA THR A 329 3.44 -8.43 12.44
C THR A 329 4.52 -9.06 11.59
N HIS A 330 4.63 -8.68 10.32
CA HIS A 330 5.54 -9.39 9.42
C HIS A 330 7.01 -9.33 9.92
N PRO A 331 7.44 -8.22 10.53
CA PRO A 331 8.76 -8.15 11.15
C PRO A 331 8.74 -8.31 12.67
N SER A 332 7.72 -8.99 13.20
CA SER A 332 7.58 -9.13 14.66
C SER A 332 8.76 -9.85 15.33
N LEU A 333 9.52 -10.64 14.56
CA LEU A 333 10.66 -11.33 15.13
C LEU A 333 11.76 -10.36 15.59
N ALA A 334 11.66 -9.08 15.23
CA ALA A 334 12.53 -8.03 15.79
C ALA A 334 12.52 -8.04 17.34
N ILE A 335 11.37 -8.30 17.92
CA ILE A 335 11.26 -8.30 19.37
C ILE A 335 12.14 -9.39 20.02
N PRO A 336 11.95 -10.67 19.67
CA PRO A 336 12.85 -11.65 20.31
C PRO A 336 14.29 -11.62 19.77
N GLU A 337 14.51 -11.16 18.53
CA GLU A 337 15.89 -10.97 18.05
C GLU A 337 16.65 -9.90 18.83
N LEU A 338 16.00 -8.76 19.10
CA LEU A 338 16.63 -7.73 19.91
C LEU A 338 16.96 -8.30 21.31
N MET A 339 16.04 -9.03 21.89
CA MET A 339 16.29 -9.69 23.18
C MET A 339 17.47 -10.67 23.10
N ARG A 340 17.50 -11.48 22.03
CA ARG A 340 18.58 -12.43 21.82
C ARG A 340 19.94 -11.74 21.78
N VAL A 341 20.03 -10.68 20.98
CA VAL A 341 21.27 -9.94 20.86
C VAL A 341 21.67 -9.34 22.21
N LEU A 342 20.74 -8.68 22.90
CA LEU A 342 21.07 -8.00 24.15
C LEU A 342 21.45 -8.98 25.29
N VAL A 343 20.70 -10.06 25.42
CA VAL A 343 20.94 -11.05 26.47
C VAL A 343 22.10 -12.02 26.16
N ASP A 344 22.03 -12.66 25.00
CA ASP A 344 23.03 -13.68 24.64
C ASP A 344 24.38 -13.13 24.21
N LEU A 345 24.40 -11.99 23.53
CA LEU A 345 25.63 -11.50 22.93
C LEU A 345 26.21 -10.35 23.75
N GLU A 346 25.38 -9.41 24.17
CA GLU A 346 25.83 -8.25 24.95
C GLU A 346 25.78 -8.48 26.47
N ARG A 347 25.16 -9.57 26.91
CA ARG A 347 25.17 -9.99 28.31
C ARG A 347 24.41 -9.06 29.28
N LEU A 348 23.39 -8.38 28.79
CA LEU A 348 22.49 -7.63 29.66
C LEU A 348 21.61 -8.62 30.39
N ASP A 349 21.19 -8.28 31.59
CA ASP A 349 20.20 -9.10 32.26
C ASP A 349 18.86 -8.90 31.55
N TRP A 350 17.99 -9.88 31.72
CA TRP A 350 16.71 -9.94 31.05
C TRP A 350 15.88 -8.69 31.24
N ASP A 351 15.69 -8.27 32.50
CA ASP A 351 14.82 -7.13 32.79
C ASP A 351 15.27 -5.83 32.12
N LYS A 352 16.57 -5.59 32.11
CA LYS A 352 17.14 -4.42 31.47
C LYS A 352 16.91 -4.49 29.95
N ALA A 353 17.22 -5.65 29.36
CA ALA A 353 16.99 -5.87 27.91
C ALA A 353 15.55 -5.67 27.48
N TRP A 354 14.63 -6.17 28.28
CA TRP A 354 13.20 -6.05 28.02
C TRP A 354 12.75 -4.59 28.07
N GLU A 355 13.24 -3.84 29.05
CA GLU A 355 12.95 -2.42 29.12
C GLU A 355 13.38 -1.69 27.86
N VAL A 356 14.61 -1.95 27.40
CA VAL A 356 15.12 -1.33 26.20
C VAL A 356 14.29 -1.71 24.97
N THR A 357 13.94 -2.98 24.86
CA THR A 357 13.19 -3.48 23.73
C THR A 357 11.81 -2.83 23.61
N VAL A 358 11.07 -2.82 24.71
CA VAL A 358 9.73 -2.24 24.73
C VAL A 358 9.75 -0.74 24.36
N LYS A 359 10.73 -0.01 24.89
CA LYS A 359 10.86 1.40 24.61
C LYS A 359 11.30 1.72 23.18
N THR A 360 11.93 0.74 22.55
CA THR A 360 12.38 0.87 21.17
C THR A 360 11.31 0.53 20.10
N CYS A 361 10.50 -0.49 20.36
CA CYS A 361 9.57 -1.05 19.37
C CYS A 361 8.16 -0.48 19.46
N ALA A 362 7.54 -0.28 18.31
CA ALA A 362 6.13 0.07 18.23
C ALA A 362 5.52 -0.68 17.05
N TYR A 363 4.22 -0.97 17.16
CA TYR A 363 3.55 -1.88 16.25
C TYR A 363 2.31 -1.22 15.65
N THR A 364 2.22 -1.26 14.33
CA THR A 364 1.03 -0.82 13.60
C THR A 364 0.28 -2.04 13.08
N ASN A 365 -1.01 -2.14 13.44
CA ASN A 365 -1.95 -3.13 12.93
C ASN A 365 -2.74 -2.62 11.76
N HIS A 366 -2.84 -3.46 10.72
CA HIS A 366 -3.55 -3.11 9.49
C HIS A 366 -4.74 -4.00 9.16
N THR A 367 -5.16 -4.91 10.04
CA THR A 367 -6.38 -5.65 9.71
C THR A 367 -7.07 -6.28 10.88
N VAL A 368 -8.35 -6.59 10.68
CA VAL A 368 -9.13 -7.26 11.69
C VAL A 368 -9.64 -8.61 11.27
N LEU A 369 -9.52 -8.99 9.99
CA LEU A 369 -9.99 -10.32 9.57
C LEU A 369 -9.11 -11.39 10.20
N PRO A 370 -9.71 -12.36 10.91
CA PRO A 370 -8.91 -13.30 11.70
C PRO A 370 -8.01 -14.22 10.86
N GLU A 371 -8.40 -14.50 9.63
CA GLU A 371 -7.58 -15.34 8.75
C GLU A 371 -6.33 -14.62 8.21
N ALA A 372 -6.25 -13.31 8.41
CA ALA A 372 -5.08 -12.54 8.00
C ALA A 372 -4.00 -12.50 9.08
N LEU A 373 -4.34 -12.90 10.30
CA LEU A 373 -3.41 -12.82 11.42
C LEU A 373 -2.34 -13.91 11.34
N GLU A 374 -1.10 -13.54 11.64
CA GLU A 374 0.00 -14.50 11.60
C GLU A 374 0.02 -15.31 12.86
N ARG A 375 -0.16 -16.62 12.71
CA ARG A 375 -0.09 -17.57 13.82
CA ARG A 375 -0.07 -17.57 13.82
C ARG A 375 0.83 -18.73 13.42
N TRP A 376 2.10 -18.63 13.73
CA TRP A 376 3.08 -19.59 13.26
C TRP A 376 3.05 -20.88 14.08
N PRO A 377 2.97 -22.03 13.41
CA PRO A 377 3.16 -23.31 14.12
C PRO A 377 4.47 -23.34 14.89
N VAL A 378 4.37 -23.76 16.15
CA VAL A 378 5.52 -23.92 17.02
C VAL A 378 6.59 -24.82 16.40
N HIS A 379 6.19 -25.91 15.75
CA HIS A 379 7.16 -26.86 15.19
C HIS A 379 8.06 -26.24 14.12
N LEU A 380 7.54 -25.27 13.34
CA LEU A 380 8.37 -24.54 12.39
C LEU A 380 9.40 -23.67 13.09
N LEU A 381 8.99 -22.95 14.13
CA LEU A 381 9.91 -22.09 14.90
C LEU A 381 10.94 -22.94 15.63
N GLU A 382 10.49 -24.08 16.14
CA GLU A 382 11.38 -25.00 16.82
C GLU A 382 12.57 -25.42 15.96
N THR A 383 12.28 -25.78 14.72
CA THR A 383 13.30 -26.22 13.79
C THR A 383 14.12 -25.10 13.19
N LEU A 384 13.47 -23.99 12.83
CA LEU A 384 14.19 -22.90 12.16
C LEU A 384 14.89 -21.95 13.11
N LEU A 385 14.27 -21.65 14.25
CA LEU A 385 14.70 -20.55 15.12
C LEU A 385 14.57 -20.99 16.58
N PRO A 386 15.32 -22.03 16.95
CA PRO A 386 15.14 -22.63 18.28
C PRO A 386 15.40 -21.70 19.44
N ARG A 387 16.35 -20.75 19.31
CA ARG A 387 16.61 -19.83 20.41
C ARG A 387 15.47 -18.79 20.54
N HIS A 388 14.93 -18.35 19.41
CA HIS A 388 13.81 -17.41 19.42
C HIS A 388 12.56 -18.00 20.09
N LEU A 389 12.28 -19.27 19.83
CA LEU A 389 11.15 -19.92 20.50
C LEU A 389 11.31 -19.93 22.02
N GLN A 390 12.52 -20.19 22.51
CA GLN A 390 12.80 -20.16 23.95
C GLN A 390 12.52 -18.78 24.51
N ILE A 391 12.98 -17.75 23.79
CA ILE A 391 12.79 -16.39 24.25
C ILE A 391 11.30 -16.02 24.25
N ILE A 392 10.56 -16.48 23.25
CA ILE A 392 9.14 -16.19 23.17
C ILE A 392 8.38 -16.87 24.33
N TYR A 393 8.76 -18.10 24.66
CA TYR A 393 8.17 -18.78 25.83
C TYR A 393 8.41 -18.01 27.13
N GLU A 394 9.63 -17.50 27.30
CA GLU A 394 9.97 -16.69 28.47
C GLU A 394 9.22 -15.38 28.53
N ILE A 395 9.15 -14.68 27.39
CA ILE A 395 8.31 -13.48 27.30
C ILE A 395 6.88 -13.81 27.73
N ASN A 396 6.35 -14.92 27.23
CA ASN A 396 4.98 -15.28 27.49
C ASN A 396 4.74 -15.54 28.97
N GLN A 397 5.65 -16.26 29.62
CA GLN A 397 5.47 -16.58 31.04
C GLN A 397 5.51 -15.32 31.92
N ARG A 398 6.47 -14.43 31.65
CA ARG A 398 6.54 -13.19 32.39
C ARG A 398 5.32 -12.30 32.16
N PHE A 399 4.84 -12.25 30.92
CA PHE A 399 3.64 -11.46 30.59
C PHE A 399 2.39 -11.98 31.30
N LEU A 400 2.18 -13.29 31.22
CA LEU A 400 1.02 -13.91 31.87
C LEU A 400 1.08 -13.78 33.39
N ASN A 401 2.29 -13.74 33.95
CA ASN A 401 2.42 -13.45 35.38
C ASN A 401 1.91 -12.07 35.71
N ARG A 402 2.13 -11.08 34.86
CA ARG A 402 1.57 -9.75 35.11
C ARG A 402 0.06 -9.73 34.95
N VAL A 403 -0.45 -10.48 33.98
CA VAL A 403 -1.90 -10.56 33.77
C VAL A 403 -2.57 -11.17 35.02
N ALA A 404 -1.97 -12.24 35.54
CA ALA A 404 -2.49 -12.94 36.72
C ALA A 404 -2.51 -12.06 37.96
N ALA A 405 -1.50 -11.22 38.13
CA ALA A 405 -1.47 -10.27 39.24
C ALA A 405 -2.51 -9.16 39.09
N ALA A 406 -2.83 -8.75 37.86
CA ALA A 406 -3.80 -7.68 37.63
C ALA A 406 -5.25 -8.16 37.69
N PHE A 407 -5.49 -9.41 37.28
CA PHE A 407 -6.85 -9.95 37.17
C PHE A 407 -6.86 -11.31 37.85
N PRO A 408 -6.70 -11.33 39.18
CA PRO A 408 -6.49 -12.63 39.83
C PRO A 408 -7.71 -13.54 39.70
N GLY A 409 -7.47 -14.82 39.45
CA GLY A 409 -8.53 -15.78 39.25
C GLY A 409 -9.16 -15.86 37.88
N ASP A 410 -8.84 -14.91 36.98
CA ASP A 410 -9.49 -14.88 35.67
C ASP A 410 -8.70 -15.78 34.74
N VAL A 411 -8.99 -17.07 34.82
CA VAL A 411 -8.24 -18.07 34.07
C VAL A 411 -8.56 -18.02 32.59
N ASP A 412 -9.77 -17.64 32.19
CA ASP A 412 -10.06 -17.57 30.76
CA ASP A 412 -10.10 -17.55 30.78
C ASP A 412 -9.28 -16.44 30.10
N ARG A 413 -9.08 -15.35 30.82
CA ARG A 413 -8.27 -14.23 30.32
C ARG A 413 -6.83 -14.69 30.06
N LEU A 414 -6.29 -15.50 30.97
CA LEU A 414 -4.96 -16.05 30.79
C LEU A 414 -4.86 -16.84 29.50
N ARG A 415 -5.85 -17.67 29.20
CA ARG A 415 -5.76 -18.42 27.95
C ARG A 415 -6.02 -17.51 26.71
N ARG A 416 -6.86 -16.50 26.82
CA ARG A 416 -7.11 -15.59 25.70
C ARG A 416 -5.90 -14.71 25.34
N MET A 417 -5.13 -14.32 26.35
CA MET A 417 -4.06 -13.36 26.15
C MET A 417 -2.72 -14.01 25.85
N SER A 418 -2.64 -15.33 26.07
CA SER A 418 -1.38 -16.05 25.87
C SER A 418 -0.82 -15.82 24.46
N LEU A 419 0.50 -15.76 24.36
CA LEU A 419 1.14 -15.70 23.04
C LEU A 419 1.09 -17.08 22.40
N VAL A 420 0.95 -18.11 23.23
CA VAL A 420 0.91 -19.48 22.75
C VAL A 420 -0.54 -19.92 22.65
N GLU A 421 -0.95 -20.32 21.46
CA GLU A 421 -2.29 -20.85 21.24
C GLU A 421 -2.30 -22.37 21.29
N GLU A 422 -3.14 -22.92 22.17
CA GLU A 422 -3.22 -24.37 22.33
C GLU A 422 -4.23 -24.93 21.34
N GLY A 423 -4.04 -26.17 20.92
CA GLY A 423 -4.96 -26.82 19.99
C GLY A 423 -4.33 -27.99 19.30
N ALA A 424 -4.96 -28.43 18.21
CA ALA A 424 -4.39 -29.46 17.34
C ALA A 424 -2.91 -29.18 17.11
N VAL A 425 -2.61 -28.01 16.54
CA VAL A 425 -1.23 -27.54 16.43
C VAL A 425 -1.07 -26.30 17.31
N LYS A 426 -0.07 -26.33 18.19
CA LYS A 426 0.28 -25.15 18.95
C LYS A 426 0.82 -24.11 17.97
N ARG A 427 0.44 -22.86 18.18
CA ARG A 427 0.86 -21.74 17.33
C ARG A 427 1.30 -20.57 18.19
N ILE A 428 2.14 -19.70 17.64
CA ILE A 428 2.45 -18.45 18.30
C ILE A 428 1.62 -17.34 17.65
N ASN A 429 0.86 -16.60 18.44
CA ASN A 429 0.13 -15.43 17.93
C ASN A 429 1.07 -14.21 17.88
N MET A 430 1.46 -13.79 16.67
CA MET A 430 2.47 -12.77 16.54
C MET A 430 1.94 -11.39 16.92
N ALA A 431 0.62 -11.17 16.77
CA ALA A 431 0.02 -9.92 17.23
C ALA A 431 0.12 -9.74 18.74
N HIS A 432 -0.10 -10.82 19.49
CA HIS A 432 0.05 -10.77 20.95
C HIS A 432 1.49 -10.50 21.32
N LEU A 433 2.44 -11.11 20.62
CA LEU A 433 3.87 -10.83 20.85
C LEU A 433 4.18 -9.34 20.64
N CYS A 434 3.66 -8.78 19.55
CA CYS A 434 3.93 -7.36 19.25
C CYS A 434 3.37 -6.43 20.30
N ILE A 435 2.16 -6.71 20.78
CA ILE A 435 1.56 -5.86 21.82
C ILE A 435 2.38 -5.93 23.13
N ALA A 436 2.72 -7.15 23.54
CA ALA A 436 3.53 -7.34 24.75
C ALA A 436 4.86 -6.61 24.68
N GLY A 437 5.51 -6.62 23.52
CA GLY A 437 6.86 -6.04 23.38
C GLY A 437 7.01 -4.66 22.78
N SER A 438 5.91 -3.92 22.67
CA SER A 438 5.92 -2.57 22.11
C SER A 438 5.36 -1.56 23.12
N HIS A 439 5.89 -0.35 23.11
CA HIS A 439 5.35 0.74 23.95
C HIS A 439 4.15 1.44 23.32
N ALA A 440 3.89 1.18 22.04
CA ALA A 440 2.74 1.77 21.34
C ALA A 440 2.19 0.81 20.31
N VAL A 441 0.86 0.75 20.23
CA VAL A 441 0.13 -0.04 19.27
C VAL A 441 -0.90 0.90 18.64
N ASN A 442 -0.93 0.98 17.31
CA ASN A 442 -1.89 1.85 16.65
C ASN A 442 -2.65 1.14 15.54
N GLY A 443 -3.91 1.54 15.37
CA GLY A 443 -4.66 1.28 14.16
C GLY A 443 -4.51 2.45 13.19
N VAL A 444 -5.17 2.36 12.06
CA VAL A 444 -4.82 3.16 10.89
C VAL A 444 -5.98 4.06 10.48
N ALA A 445 -7.06 4.03 11.25
CA ALA A 445 -8.15 5.00 11.14
C ALA A 445 -8.97 4.97 12.43
N ARG A 446 -9.69 6.05 12.71
CA ARG A 446 -10.31 6.18 14.04
C ARG A 446 -11.22 5.00 14.35
N ILE A 447 -12.08 4.63 13.41
CA ILE A 447 -13.02 3.52 13.64
C ILE A 447 -12.31 2.17 13.85
N HIS A 448 -11.22 1.94 13.10
CA HIS A 448 -10.39 0.75 13.23
C HIS A 448 -9.70 0.71 14.59
N SER A 449 -9.11 1.82 15.01
CA SER A 449 -8.44 1.88 16.30
C SER A 449 -9.43 1.61 17.46
N GLU A 450 -10.66 2.10 17.32
CA GLU A 450 -11.72 1.85 18.32
C GLU A 450 -12.11 0.39 18.35
N ILE A 451 -12.25 -0.20 17.16
CA ILE A 451 -12.56 -1.62 17.04
C ILE A 451 -11.48 -2.49 17.71
N LEU A 452 -10.20 -2.12 17.54
CA LEU A 452 -9.10 -2.84 18.19
C LEU A 452 -9.26 -2.87 19.72
N LYS A 453 -9.66 -1.74 20.29
CA LYS A 453 -9.80 -1.63 21.76
C LYS A 453 -11.06 -2.30 22.29
N LYS A 454 -12.13 -2.31 21.49
CA LYS A 454 -13.42 -2.86 21.93
C LYS A 454 -13.59 -4.34 21.67
N THR A 455 -12.91 -4.89 20.67
CA THR A 455 -13.09 -6.30 20.29
C THR A 455 -11.79 -7.11 20.31
N ILE A 456 -10.99 -7.08 19.24
CA ILE A 456 -9.95 -8.11 19.15
C ILE A 456 -8.81 -7.97 20.12
N PHE A 457 -8.45 -6.74 20.53
CA PHE A 457 -7.43 -6.55 21.58
C PHE A 457 -7.97 -5.96 22.89
N LYS A 458 -9.27 -6.16 23.15
CA LYS A 458 -9.92 -5.70 24.37
C LYS A 458 -9.15 -6.03 25.65
N ASP A 459 -8.75 -7.28 25.80
CA ASP A 459 -8.03 -7.74 27.01
C ASP A 459 -6.71 -6.97 27.24
N PHE A 460 -6.00 -6.68 26.14
CA PHE A 460 -4.73 -5.94 26.19
C PHE A 460 -4.92 -4.47 26.52
N TYR A 461 -5.96 -3.89 25.97
CA TYR A 461 -6.32 -2.51 26.27
C TYR A 461 -6.67 -2.36 27.76
N GLU A 462 -7.34 -3.35 28.34
CA GLU A 462 -7.71 -3.29 29.77
C GLU A 462 -6.48 -3.40 30.66
N LEU A 463 -5.49 -4.18 30.22
CA LEU A 463 -4.23 -4.29 30.95
C LEU A 463 -3.34 -3.06 30.81
N GLU A 464 -3.20 -2.55 29.58
CA GLU A 464 -2.25 -1.46 29.30
C GLU A 464 -2.87 -0.42 28.36
N PRO A 465 -3.83 0.35 28.87
CA PRO A 465 -4.58 1.28 28.01
C PRO A 465 -3.73 2.34 27.35
N HIS A 466 -2.67 2.76 28.04
CA HIS A 466 -1.76 3.80 27.55
C HIS A 466 -1.04 3.43 26.22
N LYS A 467 -0.95 2.14 25.91
CA LYS A 467 -0.26 1.69 24.68
C LYS A 467 -1.04 1.99 23.40
N PHE A 468 -2.36 2.04 23.49
CA PHE A 468 -3.21 2.07 22.31
C PHE A 468 -3.48 3.47 21.76
N GLN A 469 -3.16 3.65 20.48
CA GLN A 469 -3.29 4.91 19.79
C GLN A 469 -3.98 4.73 18.45
N ASN A 470 -4.39 5.86 17.87
CA ASN A 470 -4.78 5.95 16.47
C ASN A 470 -3.79 6.81 15.68
N LYS A 471 -3.52 6.39 14.44
CA LYS A 471 -2.82 7.21 13.45
C LYS A 471 -3.51 7.01 12.13
N THR A 472 -4.43 7.91 11.79
CA THR A 472 -5.16 7.79 10.55
C THR A 472 -4.19 7.91 9.37
N ASN A 473 -4.37 7.01 8.41
CA ASN A 473 -3.50 6.92 7.24
C ASN A 473 -3.56 8.20 6.41
N GLY A 474 -2.61 8.34 5.50
CA GLY A 474 -2.60 9.41 4.53
C GLY A 474 -1.86 9.00 3.28
N ILE A 475 -1.81 9.92 2.32
CA ILE A 475 -1.14 9.70 1.03
C ILE A 475 -0.26 10.92 0.73
N THR A 476 0.79 10.73 -0.08
CA THR A 476 1.69 11.86 -0.30
C THR A 476 1.12 12.72 -1.41
N PRO A 477 1.00 14.02 -1.16
CA PRO A 477 0.45 14.80 -2.26
C PRO A 477 1.46 15.15 -3.37
N ARG A 478 2.71 14.72 -3.24
CA ARG A 478 3.66 14.86 -4.34
C ARG A 478 3.27 13.89 -5.43
N ARG A 479 3.34 12.57 -5.15
CA ARG A 479 2.94 11.60 -6.16
C ARG A 479 1.47 11.72 -6.53
N TRP A 480 0.59 11.91 -5.54
CA TRP A 480 -0.83 11.72 -5.76
C TRP A 480 -1.59 13.00 -6.11
N LEU A 481 -0.86 14.07 -6.37
CA LEU A 481 -1.47 15.29 -6.99
C LEU A 481 -0.53 15.93 -8.01
N VAL A 482 0.61 16.42 -7.56
CA VAL A 482 1.53 17.18 -8.44
C VAL A 482 2.04 16.33 -9.60
N LEU A 483 2.50 15.13 -9.29
CA LEU A 483 2.97 14.22 -10.31
C LEU A 483 1.88 13.71 -11.23
N CYS A 484 0.78 13.20 -10.69
CA CYS A 484 -0.18 12.53 -11.54
C CYS A 484 -1.25 13.48 -12.12
N ASN A 485 -1.39 14.67 -11.55
CA ASN A 485 -2.45 15.57 -12.01
C ASN A 485 -1.93 17.01 -12.07
N PRO A 486 -0.95 17.25 -12.95
CA PRO A 486 -0.34 18.60 -12.95
C PRO A 486 -1.34 19.72 -13.29
N GLY A 487 -2.30 19.43 -14.16
CA GLY A 487 -3.38 20.38 -14.48
C GLY A 487 -4.13 20.90 -13.26
N LEU A 488 -4.52 19.98 -12.37
CA LEU A 488 -5.21 20.37 -11.15
C LEU A 488 -4.28 21.12 -10.23
N ALA A 489 -3.05 20.64 -10.07
CA ALA A 489 -2.11 21.30 -9.19
C ALA A 489 -1.92 22.76 -9.63
N GLU A 490 -1.91 22.97 -10.95
CA GLU A 490 -1.61 24.30 -11.50
C GLU A 490 -2.77 25.27 -11.26
N ILE A 491 -4.00 24.86 -11.54
CA ILE A 491 -5.14 25.77 -11.32
C ILE A 491 -5.32 26.08 -9.84
N ILE A 492 -4.93 25.15 -8.96
CA ILE A 492 -4.93 25.46 -7.54
C ILE A 492 -3.83 26.45 -7.19
N ALA A 493 -2.63 26.22 -7.72
CA ALA A 493 -1.50 27.10 -7.40
C ALA A 493 -1.77 28.54 -7.86
N GLU A 494 -2.48 28.68 -8.98
CA GLU A 494 -2.81 30.02 -9.48
C GLU A 494 -3.53 30.87 -8.45
N ARG A 495 -4.42 30.24 -7.69
CA ARG A 495 -5.23 30.95 -6.72
C ARG A 495 -4.53 31.07 -5.37
N ILE A 496 -3.90 30.00 -4.88
CA ILE A 496 -3.40 30.03 -3.51
C ILE A 496 -1.89 29.86 -3.33
N GLY A 497 -1.16 29.81 -4.42
CA GLY A 497 0.29 29.67 -4.32
C GLY A 497 0.68 28.20 -4.23
N GLU A 498 1.96 27.96 -3.98
CA GLU A 498 2.55 26.61 -4.04
C GLU A 498 2.76 25.94 -2.70
N GLU A 499 2.59 26.68 -1.60
CA GLU A 499 2.95 26.15 -0.29
C GLU A 499 2.11 24.95 0.14
N TYR A 500 0.96 24.75 -0.48
CA TYR A 500 0.06 23.68 -0.09
C TYR A 500 0.66 22.31 -0.38
N ILE A 501 1.62 22.24 -1.32
CA ILE A 501 2.21 20.96 -1.70
C ILE A 501 2.91 20.27 -0.55
N SER A 502 3.44 21.05 0.40
CA SER A 502 3.99 20.48 1.63
C SER A 502 3.24 20.93 2.90
N ASP A 503 2.04 21.49 2.71
CA ASP A 503 1.18 21.88 3.84
C ASP A 503 -0.24 21.78 3.34
N LEU A 504 -0.74 20.54 3.21
CA LEU A 504 -1.98 20.32 2.46
C LEU A 504 -3.23 20.93 3.09
N ASP A 505 -3.20 21.25 4.37
CA ASP A 505 -4.32 21.97 5.03
C ASP A 505 -4.66 23.30 4.38
N GLN A 506 -3.71 23.87 3.66
CA GLN A 506 -3.97 25.13 2.92
C GLN A 506 -5.01 25.00 1.82
N LEU A 507 -5.32 23.78 1.38
CA LEU A 507 -6.41 23.60 0.42
C LEU A 507 -7.76 24.12 0.97
N ARG A 508 -7.91 24.25 2.29
CA ARG A 508 -9.14 24.84 2.88
C ARG A 508 -9.44 26.22 2.30
N LYS A 509 -8.38 26.95 1.91
CA LYS A 509 -8.55 28.26 1.28
C LYS A 509 -9.40 28.20 0.03
N LEU A 510 -9.48 27.03 -0.61
CA LEU A 510 -10.28 26.89 -1.81
C LEU A 510 -11.79 27.00 -1.58
N LEU A 511 -12.23 26.89 -0.35
CA LEU A 511 -13.67 27.04 -0.05
C LEU A 511 -14.16 28.45 -0.46
N SER A 512 -13.28 29.46 -0.39
CA SER A 512 -13.68 30.80 -0.81
C SER A 512 -13.84 30.93 -2.33
N TYR A 513 -13.63 29.86 -3.09
CA TYR A 513 -13.82 29.82 -4.53
C TYR A 513 -14.96 28.96 -5.02
N VAL A 514 -15.73 28.41 -4.09
CA VAL A 514 -16.83 27.51 -4.45
C VAL A 514 -17.91 28.18 -5.30
N ASP A 515 -18.06 29.50 -5.19
CA ASP A 515 -19.01 30.26 -6.03
C ASP A 515 -18.35 31.03 -7.17
N ASP A 516 -17.04 30.84 -7.36
CA ASP A 516 -16.27 31.53 -8.40
C ASP A 516 -16.47 30.82 -9.73
N GLU A 517 -17.05 31.53 -10.69
CA GLU A 517 -17.41 30.93 -11.97
C GLU A 517 -16.19 30.48 -12.78
N ALA A 518 -15.08 31.20 -12.64
CA ALA A 518 -13.87 30.86 -13.40
C ALA A 518 -13.27 29.56 -12.85
N PHE A 519 -13.16 29.47 -11.53
CA PHE A 519 -12.63 28.26 -10.87
C PHE A 519 -13.48 27.03 -11.17
N ILE A 520 -14.81 27.17 -11.05
CA ILE A 520 -15.73 26.09 -11.42
C ILE A 520 -15.44 25.55 -12.81
N ARG A 521 -15.31 26.48 -13.76
CA ARG A 521 -15.04 26.09 -15.15
C ARG A 521 -13.67 25.40 -15.30
N ASP A 522 -12.66 25.89 -14.59
CA ASP A 522 -11.29 25.34 -14.72
C ASP A 522 -11.21 23.94 -14.08
N VAL A 523 -11.86 23.76 -12.94
CA VAL A 523 -11.91 22.44 -12.28
C VAL A 523 -12.54 21.42 -13.22
N ALA A 524 -13.67 21.78 -13.82
CA ALA A 524 -14.37 20.90 -14.76
C ALA A 524 -13.58 20.63 -16.03
N LYS A 525 -12.85 21.63 -16.50
CA LYS A 525 -12.02 21.48 -17.70
C LYS A 525 -10.85 20.51 -17.45
N VAL A 526 -10.20 20.65 -16.30
CA VAL A 526 -9.12 19.72 -15.92
C VAL A 526 -9.59 18.27 -15.88
N LYS A 527 -10.76 18.03 -15.28
CA LYS A 527 -11.33 16.68 -15.26
C LYS A 527 -11.60 16.17 -16.67
N GLN A 528 -12.20 17.02 -17.49
CA GLN A 528 -12.49 16.64 -18.85
C GLN A 528 -11.22 16.29 -19.65
N GLU A 529 -10.18 17.08 -19.50
CA GLU A 529 -8.92 16.78 -20.20
C GLU A 529 -8.34 15.45 -19.68
N ASN A 530 -8.40 15.24 -18.37
CA ASN A 530 -7.89 13.97 -17.82
C ASN A 530 -8.66 12.79 -18.39
N LYS A 531 -9.99 12.93 -18.51
CA LYS A 531 -10.82 11.85 -19.07
C LYS A 531 -10.53 11.56 -20.54
N LEU A 532 -10.30 12.62 -21.33
CA LEU A 532 -9.93 12.45 -22.75
C LEU A 532 -8.60 11.73 -22.86
N LYS A 533 -7.63 12.14 -22.04
CA LYS A 533 -6.31 11.53 -22.07
C LYS A 533 -6.39 10.04 -21.73
N PHE A 534 -7.18 9.68 -20.73
CA PHE A 534 -7.31 8.29 -20.33
C PHE A 534 -8.07 7.46 -21.34
N ALA A 535 -9.13 8.04 -21.91
CA ALA A 535 -9.91 7.39 -22.95
C ALA A 535 -9.05 7.05 -24.17
N ALA A 536 -8.09 7.94 -24.46
CA ALA A 536 -7.12 7.72 -25.54
C ALA A 536 -6.15 6.59 -25.20
N TYR A 537 -5.60 6.64 -23.98
CA TYR A 537 -4.69 5.59 -23.48
C TYR A 537 -5.33 4.22 -23.64
N LEU A 538 -6.62 4.14 -23.36
CA LEU A 538 -7.35 2.89 -23.48
C LEU A 538 -7.33 2.33 -24.91
N GLU A 539 -7.70 3.14 -25.90
CA GLU A 539 -7.68 2.69 -27.29
C GLU A 539 -6.27 2.28 -27.73
N ARG A 540 -5.31 3.17 -27.50
CA ARG A 540 -3.92 2.95 -27.93
C ARG A 540 -3.34 1.63 -27.44
N GLU A 541 -3.29 1.45 -26.12
CA GLU A 541 -2.66 0.27 -25.52
C GLU A 541 -3.57 -0.95 -25.33
N TYR A 542 -4.90 -0.80 -25.49
CA TYR A 542 -5.81 -1.91 -25.23
C TYR A 542 -7.02 -2.03 -26.18
N LYS A 543 -6.99 -1.35 -27.33
CA LYS A 543 -8.07 -1.42 -28.33
C LYS A 543 -9.47 -1.47 -27.72
N VAL A 544 -9.73 -0.59 -26.75
CA VAL A 544 -11.04 -0.51 -26.11
C VAL A 544 -11.58 0.93 -26.20
N HIS A 545 -12.87 1.05 -26.53
CA HIS A 545 -13.45 2.27 -27.11
C HIS A 545 -14.59 2.87 -26.26
N ILE A 546 -14.29 3.92 -25.50
CA ILE A 546 -15.25 4.49 -24.53
C ILE A 546 -15.73 5.92 -24.83
N ASN A 547 -16.92 6.24 -24.35
CA ASN A 547 -17.50 7.56 -24.45
C ASN A 547 -16.97 8.49 -23.35
N PRO A 548 -16.21 9.54 -23.72
CA PRO A 548 -15.62 10.39 -22.68
C PRO A 548 -16.58 11.38 -22.04
N ASN A 549 -17.84 11.45 -22.50
CA ASN A 549 -18.87 12.25 -21.84
C ASN A 549 -19.64 11.51 -20.75
N SER A 550 -19.41 10.20 -20.66
CA SER A 550 -20.06 9.37 -19.63
C SER A 550 -19.45 9.64 -18.26
N LEU A 551 -20.19 9.29 -17.22
CA LEU A 551 -19.69 9.33 -15.86
C LEU A 551 -18.70 8.15 -15.68
N PHE A 552 -17.49 8.47 -15.24
CA PHE A 552 -16.44 7.45 -15.05
C PHE A 552 -16.53 6.94 -13.61
N ASP A 553 -17.05 5.71 -13.50
CA ASP A 553 -17.42 5.04 -12.23
C ASP A 553 -16.36 3.97 -12.02
N VAL A 554 -15.52 4.15 -11.01
CA VAL A 554 -14.25 3.44 -10.87
C VAL A 554 -14.09 2.77 -9.51
N GLN A 555 -13.75 1.48 -9.55
CA GLN A 555 -13.43 0.70 -8.36
C GLN A 555 -12.11 -0.02 -8.66
N VAL A 556 -11.02 0.48 -8.11
CA VAL A 556 -9.72 -0.14 -8.29
C VAL A 556 -9.09 -0.42 -6.93
N LYS A 557 -8.69 -1.67 -6.72
CA LYS A 557 -8.13 -2.15 -5.47
C LYS A 557 -8.00 -3.68 -5.63
N ARG A 558 -7.27 -4.34 -4.74
CA ARG A 558 -7.15 -5.78 -4.86
C ARG A 558 -8.55 -6.43 -4.77
N ILE A 559 -8.71 -7.58 -5.42
CA ILE A 559 -9.98 -8.29 -5.42
C ILE A 559 -10.11 -9.11 -4.13
N HIS A 560 -11.11 -8.77 -3.32
CA HIS A 560 -11.44 -9.54 -2.09
C HIS A 560 -12.93 -9.52 -1.89
N GLU A 561 -13.47 -10.58 -1.30
CA GLU A 561 -14.88 -10.54 -0.92
C GLU A 561 -15.27 -9.36 -0.04
N TYR A 562 -14.43 -8.97 0.92
CA TYR A 562 -14.81 -7.90 1.84
C TYR A 562 -14.95 -6.56 1.15
N LYS A 563 -14.21 -6.37 0.06
CA LYS A 563 -14.28 -5.12 -0.72
C LYS A 563 -15.53 -5.03 -1.62
N ARG A 564 -16.20 -6.17 -1.81
CA ARG A 564 -17.52 -6.23 -2.46
C ARG A 564 -17.55 -5.65 -3.90
N GLN A 565 -16.54 -5.99 -4.70
CA GLN A 565 -16.65 -5.83 -6.16
C GLN A 565 -17.96 -6.50 -6.62
N LEU A 566 -18.41 -7.53 -5.90
CA LEU A 566 -19.68 -8.19 -6.29
C LEU A 566 -20.91 -7.30 -6.12
N LEU A 567 -20.92 -6.45 -5.11
CA LEU A 567 -22.01 -5.51 -4.94
C LEU A 567 -22.08 -4.55 -6.15
N ASN A 568 -20.91 -4.07 -6.57
CA ASN A 568 -20.81 -3.24 -7.79
C ASN A 568 -21.39 -4.01 -8.99
N CYS A 569 -20.99 -5.26 -9.17
CA CYS A 569 -21.53 -6.08 -10.26
C CYS A 569 -23.05 -6.18 -10.27
N LEU A 570 -23.64 -6.35 -9.08
CA LEU A 570 -25.09 -6.39 -8.98
C LEU A 570 -25.70 -5.08 -9.47
N HIS A 571 -25.08 -3.95 -9.12
CA HIS A 571 -25.60 -2.66 -9.60
C HIS A 571 -25.53 -2.51 -11.14
N VAL A 572 -24.40 -2.92 -11.72
CA VAL A 572 -24.20 -2.88 -13.15
C VAL A 572 -25.28 -3.69 -13.88
N ILE A 573 -25.53 -4.91 -13.40
CA ILE A 573 -26.57 -5.75 -14.01
C ILE A 573 -27.97 -5.13 -13.83
N THR A 574 -28.20 -4.48 -12.70
CA THR A 574 -29.45 -3.76 -12.45
C THR A 574 -29.67 -2.64 -13.50
N LEU A 575 -28.62 -1.85 -13.76
CA LEU A 575 -28.69 -0.79 -14.77
C LEU A 575 -28.98 -1.34 -16.14
N TYR A 576 -28.28 -2.42 -16.49
CA TYR A 576 -28.48 -3.09 -17.75
C TYR A 576 -29.92 -3.59 -17.90
N ASN A 577 -30.44 -4.26 -16.88
CA ASN A 577 -31.82 -4.78 -16.93
C ASN A 577 -32.89 -3.67 -17.03
N ARG A 578 -32.70 -2.57 -16.31
CA ARG A 578 -33.56 -1.39 -16.40
C ARG A 578 -33.56 -0.79 -17.82
N ILE A 579 -32.41 -0.73 -18.47
CA ILE A 579 -32.34 -0.26 -19.87
C ILE A 579 -33.12 -1.17 -20.79
N LYS A 580 -32.88 -2.47 -20.69
CA LYS A 580 -33.56 -3.44 -21.52
C LYS A 580 -35.08 -3.44 -21.30
N LYS A 581 -35.51 -3.08 -20.10
CA LYS A 581 -36.93 -2.99 -19.77
C LYS A 581 -37.61 -1.73 -20.35
N GLU A 582 -36.90 -0.59 -20.32
CA GLU A 582 -37.38 0.69 -20.89
C GLU A 582 -36.29 1.33 -21.75
N PRO A 583 -36.04 0.77 -22.94
CA PRO A 583 -34.87 1.19 -23.70
C PRO A 583 -34.90 2.65 -24.18
N ASN A 584 -36.09 3.23 -24.31
CA ASN A 584 -36.21 4.59 -24.87
C ASN A 584 -36.28 5.67 -23.80
N LYS A 585 -36.05 5.28 -22.55
CA LYS A 585 -35.96 6.20 -21.44
C LYS A 585 -34.51 6.72 -21.33
N PHE A 586 -34.34 8.00 -20.97
CA PHE A 586 -33.01 8.55 -20.79
C PHE A 586 -32.39 8.03 -19.48
N VAL A 587 -31.12 7.64 -19.54
CA VAL A 587 -30.31 7.40 -18.33
C VAL A 587 -28.96 8.08 -18.46
N VAL A 588 -28.40 8.55 -17.36
CA VAL A 588 -27.06 9.13 -17.38
C VAL A 588 -26.06 8.06 -17.84
N PRO A 589 -25.33 8.33 -18.92
CA PRO A 589 -24.37 7.37 -19.46
C PRO A 589 -23.23 7.15 -18.47
N ARG A 590 -22.79 5.89 -18.35
CA ARG A 590 -21.69 5.52 -17.43
C ARG A 590 -20.67 4.63 -18.10
N THR A 591 -19.41 4.84 -17.72
CA THR A 591 -18.36 3.86 -18.00
C THR A 591 -17.93 3.33 -16.63
N VAL A 592 -18.23 2.06 -16.40
CA VAL A 592 -17.93 1.41 -15.13
C VAL A 592 -16.63 0.62 -15.33
N MET A 593 -15.62 0.99 -14.57
CA MET A 593 -14.31 0.41 -14.66
C MET A 593 -13.96 -0.26 -13.33
N ILE A 594 -13.58 -1.53 -13.39
CA ILE A 594 -13.17 -2.27 -12.21
C ILE A 594 -11.82 -2.88 -12.51
N GLY A 595 -10.87 -2.72 -11.62
CA GLY A 595 -9.57 -3.35 -11.80
C GLY A 595 -8.95 -3.77 -10.48
N GLY A 596 -8.02 -4.73 -10.56
CA GLY A 596 -7.30 -5.21 -9.40
C GLY A 596 -6.88 -6.66 -9.60
N LYS A 597 -5.81 -7.03 -8.91
CA LYS A 597 -5.29 -8.37 -8.97
C LYS A 597 -5.91 -9.25 -7.89
N ALA A 598 -6.04 -10.53 -8.20
CA ALA A 598 -6.45 -11.55 -7.26
C ALA A 598 -5.24 -12.38 -6.83
N ALA A 599 -5.20 -12.78 -5.57
CA ALA A 599 -4.15 -13.68 -5.11
C ALA A 599 -4.28 -15.00 -5.88
N PRO A 600 -3.16 -15.53 -6.39
CA PRO A 600 -3.16 -16.75 -7.20
C PRO A 600 -3.97 -17.92 -6.65
N GLY A 601 -3.97 -18.15 -5.35
CA GLY A 601 -4.76 -19.30 -4.82
C GLY A 601 -6.22 -19.05 -4.46
N TYR A 602 -6.68 -17.82 -4.61
CA TYR A 602 -7.98 -17.39 -4.07
C TYR A 602 -9.04 -17.59 -5.16
N HIS A 603 -9.65 -18.76 -5.13
CA HIS A 603 -10.58 -19.16 -6.18
C HIS A 603 -11.76 -18.20 -6.38
N MET A 604 -12.42 -17.80 -5.30
CA MET A 604 -13.57 -16.89 -5.41
C MET A 604 -13.18 -15.56 -6.06
N ALA A 605 -12.01 -15.02 -5.73
CA ALA A 605 -11.51 -13.78 -6.36
C ALA A 605 -11.30 -13.94 -7.87
N LYS A 606 -10.77 -15.09 -8.27
CA LYS A 606 -10.63 -15.41 -9.69
C LYS A 606 -11.97 -15.53 -10.41
N MET A 607 -12.99 -16.06 -9.73
CA MET A 607 -14.33 -16.18 -10.30
C MET A 607 -14.99 -14.80 -10.47
N ILE A 608 -14.71 -13.90 -9.54
CA ILE A 608 -15.22 -12.52 -9.60
C ILE A 608 -14.66 -11.77 -10.82
N ILE A 609 -13.37 -11.90 -11.07
CA ILE A 609 -12.79 -11.30 -12.27
C ILE A 609 -13.50 -11.84 -13.51
N LYS A 610 -13.67 -13.15 -13.57
CA LYS A 610 -14.35 -13.76 -14.71
C LYS A 610 -15.78 -13.24 -14.88
N LEU A 611 -16.51 -13.10 -13.78
CA LEU A 611 -17.86 -12.51 -13.82
C LEU A 611 -17.84 -11.09 -14.40
N ILE A 612 -16.87 -10.29 -13.99
CA ILE A 612 -16.81 -8.91 -14.48
C ILE A 612 -16.61 -8.85 -15.99
N THR A 613 -15.70 -9.66 -16.52
CA THR A 613 -15.46 -9.69 -17.95
C THR A 613 -16.68 -10.27 -18.70
N ALA A 614 -17.33 -11.27 -18.10
CA ALA A 614 -18.55 -11.88 -18.67
C ALA A 614 -19.71 -10.89 -18.81
N ILE A 615 -19.89 -10.05 -17.79
CA ILE A 615 -20.88 -8.97 -17.83
C ILE A 615 -20.55 -8.01 -18.97
N GLY A 616 -19.29 -7.58 -19.04
CA GLY A 616 -18.79 -6.74 -20.16
C GLY A 616 -19.08 -7.36 -21.53
N ASP A 617 -18.82 -8.65 -21.68
CA ASP A 617 -19.07 -9.32 -22.96
C ASP A 617 -20.54 -9.18 -23.40
N VAL A 618 -21.47 -9.23 -22.45
CA VAL A 618 -22.88 -9.09 -22.78
C VAL A 618 -23.25 -7.63 -22.97
N VAL A 619 -22.93 -6.80 -21.98
CA VAL A 619 -23.33 -5.41 -21.98
C VAL A 619 -22.73 -4.63 -23.13
N ASN A 620 -21.45 -4.83 -23.41
CA ASN A 620 -20.73 -3.95 -24.31
C ASN A 620 -21.10 -4.21 -25.76
N HIS A 621 -21.79 -5.30 -26.04
CA HIS A 621 -22.16 -5.66 -27.42
C HIS A 621 -23.67 -5.70 -27.65
N ASP A 622 -24.44 -5.15 -26.71
CA ASP A 622 -25.90 -5.10 -26.86
C ASP A 622 -26.25 -3.78 -27.56
N PRO A 623 -26.75 -3.86 -28.81
CA PRO A 623 -27.01 -2.64 -29.59
C PRO A 623 -28.07 -1.72 -28.96
N VAL A 624 -28.99 -2.26 -28.18
CA VAL A 624 -30.00 -1.44 -27.52
C VAL A 624 -29.39 -0.53 -26.44
N VAL A 625 -28.29 -0.98 -25.82
CA VAL A 625 -27.61 -0.18 -24.81
C VAL A 625 -26.86 0.97 -25.44
N GLY A 626 -26.24 0.71 -26.59
CA GLY A 626 -25.49 1.74 -27.30
C GLY A 626 -24.26 2.12 -26.52
N ASP A 627 -24.00 3.41 -26.36
CA ASP A 627 -22.91 3.86 -25.51
C ASP A 627 -23.42 4.47 -24.19
N ARG A 628 -24.57 4.00 -23.74
CA ARG A 628 -25.12 4.43 -22.46
C ARG A 628 -24.50 3.69 -21.25
N LEU A 629 -23.93 2.52 -21.51
CA LEU A 629 -23.32 1.71 -20.44
C LEU A 629 -22.21 0.85 -21.02
N ARG A 630 -21.03 0.97 -20.42
CA ARG A 630 -19.88 0.17 -20.80
C ARG A 630 -19.25 -0.34 -19.52
N VAL A 631 -18.80 -1.60 -19.55
CA VAL A 631 -18.15 -2.22 -18.38
C VAL A 631 -16.80 -2.75 -18.78
N ILE A 632 -15.73 -2.19 -18.19
CA ILE A 632 -14.36 -2.50 -18.58
C ILE A 632 -13.58 -3.03 -17.36
N PHE A 633 -12.90 -4.16 -17.55
CA PHE A 633 -11.97 -4.65 -16.55
C PHE A 633 -10.59 -4.10 -16.86
N LEU A 634 -10.08 -3.29 -15.96
CA LEU A 634 -8.77 -2.64 -16.11
C LEU A 634 -7.67 -3.63 -15.73
N GLU A 635 -6.95 -4.11 -16.73
CA GLU A 635 -5.94 -5.14 -16.58
C GLU A 635 -4.66 -4.61 -15.95
N ASN A 636 -4.01 -5.44 -15.11
CA ASN A 636 -2.73 -5.15 -14.50
C ASN A 636 -2.66 -3.85 -13.65
N TYR A 637 -3.69 -3.64 -12.82
CA TYR A 637 -3.69 -2.50 -11.90
C TYR A 637 -2.46 -2.51 -11.02
N ARG A 638 -1.82 -1.36 -10.97
CA ARG A 638 -0.56 -1.17 -10.30
C ARG A 638 -0.35 0.34 -10.11
N VAL A 639 0.73 0.74 -9.47
CA VAL A 639 0.91 2.17 -9.12
C VAL A 639 0.89 3.07 -10.36
N SER A 640 1.61 2.70 -11.41
CA SER A 640 1.62 3.54 -12.63
C SER A 640 0.24 3.64 -13.32
N LEU A 641 -0.57 2.59 -13.25
CA LEU A 641 -1.95 2.67 -13.75
C LEU A 641 -2.87 3.54 -12.84
N ALA A 642 -2.68 3.45 -11.54
CA ALA A 642 -3.42 4.30 -10.60
C ALA A 642 -3.19 5.78 -10.90
N GLU A 643 -1.94 6.12 -11.25
CA GLU A 643 -1.60 7.50 -11.53
C GLU A 643 -2.31 8.04 -12.75
N LYS A 644 -2.74 7.14 -13.64
CA LYS A 644 -3.49 7.49 -14.86
C LYS A 644 -5.01 7.52 -14.66
N VAL A 645 -5.56 6.50 -14.02
CA VAL A 645 -7.02 6.38 -13.90
C VAL A 645 -7.61 7.26 -12.80
N ILE A 646 -6.91 7.40 -11.68
CA ILE A 646 -7.49 8.17 -10.58
C ILE A 646 -7.79 9.64 -11.00
N PRO A 647 -6.85 10.32 -11.69
CA PRO A 647 -7.21 11.69 -12.15
C PRO A 647 -8.40 11.79 -13.10
N ALA A 648 -8.71 10.70 -13.77
CA ALA A 648 -9.80 10.66 -14.71
C ALA A 648 -11.15 10.29 -14.12
N ALA A 649 -11.22 9.92 -12.85
CA ALA A 649 -12.45 9.36 -12.31
C ALA A 649 -13.44 10.45 -11.87
N ASP A 650 -14.73 10.16 -12.03
CA ASP A 650 -15.81 10.99 -11.48
C ASP A 650 -16.33 10.46 -10.15
N LEU A 651 -16.43 9.14 -10.06
CA LEU A 651 -17.02 8.47 -8.90
C LEU A 651 -16.08 7.38 -8.40
N SER A 652 -15.78 7.46 -7.11
CA SER A 652 -14.91 6.54 -6.40
C SER A 652 -15.77 5.55 -5.58
N GLU A 653 -15.61 4.26 -5.86
CA GLU A 653 -16.36 3.20 -5.19
C GLU A 653 -15.57 2.66 -4.01
N GLN A 654 -16.10 2.90 -2.80
CA GLN A 654 -15.44 2.51 -1.55
C GLN A 654 -16.50 1.82 -0.68
N ILE A 655 -16.78 0.57 -0.99
CA ILE A 655 -18.04 -0.05 -0.63
C ILE A 655 -17.89 -1.36 0.17
N SER A 656 -16.83 -1.42 0.95
CA SER A 656 -16.59 -2.55 1.86
C SER A 656 -17.68 -2.64 2.93
N THR A 657 -17.92 -3.84 3.41
CA THR A 657 -18.84 -4.02 4.52
C THR A 657 -18.32 -3.27 5.74
N ALA A 658 -19.19 -2.52 6.39
CA ALA A 658 -18.79 -1.74 7.53
C ALA A 658 -18.05 -2.62 8.56
N GLY A 659 -16.89 -2.13 9.00
CA GLY A 659 -16.02 -2.84 9.94
C GLY A 659 -14.90 -3.70 9.34
N THR A 660 -14.77 -3.71 8.01
CA THR A 660 -13.80 -4.62 7.37
C THR A 660 -12.60 -3.96 6.73
N GLU A 661 -12.75 -2.75 6.18
CA GLU A 661 -11.61 -2.03 5.61
C GLU A 661 -10.97 -1.20 6.69
N ALA A 662 -9.76 -1.55 7.16
CA ALA A 662 -9.16 -0.84 8.29
C ALA A 662 -9.10 0.67 8.05
N SER A 663 -8.65 1.09 6.87
CA SER A 663 -8.63 2.52 6.54
C SER A 663 -9.04 2.71 5.11
N GLY A 664 -8.27 2.12 4.20
CA GLY A 664 -8.31 2.47 2.79
C GLY A 664 -7.36 3.65 2.58
N THR A 665 -6.74 3.71 1.42
CA THR A 665 -5.93 4.87 1.00
C THR A 665 -6.25 5.28 -0.43
N GLY A 666 -6.70 4.34 -1.27
CA GLY A 666 -7.22 4.71 -2.58
C GLY A 666 -8.34 5.75 -2.46
N ASN A 667 -9.19 5.56 -1.45
CA ASN A 667 -10.25 6.54 -1.15
C ASN A 667 -9.75 8.00 -1.09
N MET A 668 -8.61 8.20 -0.45
CA MET A 668 -8.00 9.51 -0.28
C MET A 668 -7.43 10.04 -1.59
N1 LLP A 669 -3.00 -0.72 -4.99
C2 LLP A 669 -2.41 0.34 -5.60
C2' LLP A 669 -1.58 0.16 -6.83
C3 LLP A 669 -2.50 1.69 -5.02
O3 LLP A 669 -1.91 2.76 -5.59
C4 LLP A 669 -3.31 1.84 -3.80
C4' LLP A 669 -3.49 3.15 -3.12
C5 LLP A 669 -3.91 0.62 -3.23
C6 LLP A 669 -3.73 -0.60 -3.86
C5' LLP A 669 -4.78 0.71 -1.97
OP4 LLP A 669 -6.11 0.93 -2.43
P LLP A 669 -7.36 0.62 -1.42
OP1 LLP A 669 -8.55 0.97 -2.25
OP2 LLP A 669 -7.25 -0.85 -1.16
OP3 LLP A 669 -7.10 1.48 -0.23
N LLP A 669 -6.82 9.16 -2.39
CA LLP A 669 -6.29 9.55 -3.70
CB LLP A 669 -5.64 8.36 -4.41
CG LLP A 669 -4.52 7.70 -3.57
CD LLP A 669 -4.08 6.40 -4.24
CE LLP A 669 -3.16 5.61 -3.32
NZ LLP A 669 -2.94 4.26 -3.83
C LLP A 669 -7.41 10.09 -4.58
O LLP A 669 -7.22 11.10 -5.28
N PHE A 670 -8.57 9.46 -4.57
CA PHE A 670 -9.69 9.91 -5.41
C PHE A 670 -10.23 11.26 -4.96
N MET A 671 -10.32 11.45 -3.65
CA MET A 671 -10.83 12.68 -3.07
C MET A 671 -9.96 13.88 -3.49
N LEU A 672 -8.66 13.67 -3.47
CA LEU A 672 -7.71 14.71 -3.78
C LEU A 672 -7.74 15.11 -5.28
N ASN A 673 -8.22 14.20 -6.12
CA ASN A 673 -8.17 14.36 -7.57
C ASN A 673 -9.50 14.67 -8.21
N GLY A 674 -10.49 14.99 -7.40
CA GLY A 674 -11.74 15.55 -7.93
C GLY A 674 -12.81 14.56 -8.32
N ALA A 675 -12.85 13.42 -7.63
CA ALA A 675 -13.94 12.49 -7.74
C ALA A 675 -14.79 12.60 -6.50
N LEU A 676 -16.09 12.35 -6.64
CA LEU A 676 -16.95 12.22 -5.49
C LEU A 676 -16.93 10.73 -5.08
N THR A 677 -17.30 10.46 -3.83
CA THR A 677 -17.23 9.11 -3.25
C THR A 677 -18.61 8.54 -2.93
N ILE A 678 -18.88 7.33 -3.43
CA ILE A 678 -19.99 6.53 -2.92
C ILE A 678 -19.38 5.45 -2.01
N GLY A 679 -19.85 5.41 -0.78
CA GLY A 679 -19.25 4.53 0.19
C GLY A 679 -20.03 4.28 1.48
N THR A 680 -19.59 3.22 2.15
CA THR A 680 -20.07 2.86 3.45
C THR A 680 -19.30 3.62 4.52
N MET A 681 -19.86 3.64 5.71
CA MET A 681 -19.19 4.26 6.83
C MET A 681 -18.18 3.26 7.38
N ASP A 682 -17.07 3.11 6.65
CA ASP A 682 -16.03 2.14 6.96
C ASP A 682 -14.65 2.80 6.84
N GLY A 683 -13.72 2.33 7.68
CA GLY A 683 -12.35 2.85 7.67
C GLY A 683 -12.27 4.37 7.64
N ALA A 684 -11.43 4.92 6.76
CA ALA A 684 -11.23 6.36 6.74
C ALA A 684 -12.36 7.10 6.04
N ASN A 685 -13.25 6.39 5.33
CA ASN A 685 -14.44 7.01 4.74
C ASN A 685 -15.18 7.86 5.80
N VAL A 686 -15.23 7.37 7.03
CA VAL A 686 -15.89 8.08 8.14
C VAL A 686 -15.29 9.48 8.39
N GLU A 687 -13.97 9.55 8.38
CA GLU A 687 -13.26 10.79 8.62
C GLU A 687 -13.31 11.68 7.40
N MET A 688 -13.32 11.08 6.19
CA MET A 688 -13.43 11.87 4.96
C MET A 688 -14.78 12.60 4.95
N ALA A 689 -15.86 11.88 5.28
CA ALA A 689 -17.20 12.49 5.29
C ALA A 689 -17.32 13.56 6.38
N GLU A 690 -16.70 13.31 7.51
CA GLU A 690 -16.64 14.27 8.59
C GLU A 690 -15.91 15.54 8.18
N GLU A 691 -14.79 15.40 7.47
CA GLU A 691 -14.07 16.58 6.97
C GLU A 691 -14.85 17.36 5.91
N ALA A 692 -15.42 16.67 4.92
CA ALA A 692 -16.08 17.34 3.79
C ALA A 692 -17.51 17.77 4.13
N GLY A 693 -18.12 17.07 5.08
CA GLY A 693 -19.54 17.21 5.37
C GLY A 693 -20.30 16.10 4.70
N GLU A 694 -21.19 15.45 5.47
CA GLU A 694 -21.95 14.31 4.96
C GLU A 694 -22.81 14.65 3.76
N GLU A 695 -23.23 15.92 3.64
CA GLU A 695 -24.02 16.38 2.48
C GLU A 695 -23.23 16.28 1.18
N ASN A 696 -21.90 16.23 1.28
CA ASN A 696 -21.02 16.26 0.12
C ASN A 696 -20.37 14.91 -0.15
N PHE A 697 -20.97 13.87 0.44
CA PHE A 697 -20.54 12.50 0.28
C PHE A 697 -21.78 11.65 -0.02
N PHE A 698 -21.61 10.55 -0.73
CA PHE A 698 -22.73 9.64 -1.01
C PHE A 698 -22.61 8.41 -0.11
N ILE A 699 -23.11 8.55 1.11
CA ILE A 699 -23.03 7.51 2.13
C ILE A 699 -24.26 6.62 2.06
N PHE A 700 -24.07 5.31 2.17
CA PHE A 700 -25.17 4.38 2.20
C PHE A 700 -24.84 3.18 3.09
N GLY A 701 -25.87 2.38 3.38
CA GLY A 701 -25.66 1.04 3.91
C GLY A 701 -25.57 0.92 5.41
N MET A 702 -25.41 -0.32 5.86
CA MET A 702 -25.29 -0.62 7.26
C MET A 702 -24.06 0.08 7.86
N ARG A 703 -24.22 0.58 9.09
CA ARG A 703 -23.08 0.93 9.94
C ARG A 703 -22.63 -0.32 10.67
N VAL A 704 -21.52 -0.21 11.39
CA VAL A 704 -20.94 -1.35 12.10
C VAL A 704 -21.94 -1.95 13.09
N GLU A 705 -22.68 -1.08 13.78
CA GLU A 705 -23.72 -1.47 14.72
C GLU A 705 -24.83 -2.30 14.08
N ASP A 706 -25.18 -1.95 12.84
CA ASP A 706 -26.21 -2.70 12.11
C ASP A 706 -25.69 -4.06 11.70
N VAL A 707 -24.41 -4.15 11.35
CA VAL A 707 -23.83 -5.43 11.00
C VAL A 707 -23.87 -6.36 12.23
N ASP A 708 -23.50 -5.81 13.38
CA ASP A 708 -23.53 -6.56 14.65
C ASP A 708 -24.93 -7.08 14.97
N ARG A 709 -25.95 -6.23 14.82
CA ARG A 709 -27.34 -6.64 15.07
C ARG A 709 -27.78 -7.76 14.13
N LEU A 710 -27.41 -7.68 12.86
CA LEU A 710 -27.71 -8.75 11.91
C LEU A 710 -27.05 -10.10 12.25
N ASP A 711 -25.80 -10.05 12.69
CA ASP A 711 -25.07 -11.25 13.10
C ASP A 711 -25.73 -11.90 14.33
N GLN A 712 -26.21 -11.08 15.26
CA GLN A 712 -26.89 -11.60 16.45
C GLN A 712 -28.13 -12.40 16.10
N ARG A 713 -28.88 -11.89 15.14
CA ARG A 713 -30.12 -12.50 14.68
C ARG A 713 -29.87 -13.64 13.71
N GLY A 714 -28.80 -13.49 12.90
CA GLY A 714 -28.44 -14.45 11.88
C GLY A 714 -28.75 -13.92 10.50
N TYR A 715 -27.73 -13.85 9.64
CA TYR A 715 -27.93 -13.34 8.29
C TYR A 715 -28.58 -14.40 7.43
N ASN A 716 -29.73 -14.06 6.84
CA ASN A 716 -30.44 -14.95 5.96
C ASN A 716 -30.65 -14.27 4.61
N ALA A 717 -29.81 -14.62 3.64
CA ALA A 717 -29.82 -13.96 2.35
C ALA A 717 -31.11 -14.24 1.57
N GLN A 718 -31.73 -15.40 1.82
CA GLN A 718 -32.97 -15.77 1.15
C GLN A 718 -34.05 -14.72 1.33
N GLU A 719 -34.11 -14.12 2.51
CA GLU A 719 -35.10 -13.09 2.82
C GLU A 719 -35.06 -11.93 1.82
N TYR A 720 -33.85 -11.47 1.48
CA TYR A 720 -33.66 -10.38 0.50
C TYR A 720 -34.06 -10.80 -0.91
N TYR A 721 -33.63 -11.99 -1.31
CA TYR A 721 -34.04 -12.59 -2.60
C TYR A 721 -35.56 -12.69 -2.71
N ASP A 722 -36.23 -13.06 -1.61
CA ASP A 722 -37.69 -13.20 -1.62
C ASP A 722 -38.43 -11.88 -1.74
N ARG A 723 -37.86 -10.79 -1.24
CA ARG A 723 -38.56 -9.51 -1.12
C ARG A 723 -38.17 -8.48 -2.17
N ILE A 724 -37.10 -8.72 -2.93
CA ILE A 724 -36.60 -7.72 -3.88
C ILE A 724 -36.60 -8.36 -5.25
N PRO A 725 -37.63 -8.05 -6.07
CA PRO A 725 -37.75 -8.68 -7.39
C PRO A 725 -36.57 -8.39 -8.34
N GLU A 726 -36.01 -7.18 -8.31
CA GLU A 726 -34.87 -6.87 -9.17
C GLU A 726 -33.65 -7.73 -8.81
N LEU A 727 -33.49 -8.02 -7.52
CA LEU A 727 -32.38 -8.87 -7.08
C LEU A 727 -32.60 -10.33 -7.51
N ARG A 728 -33.82 -10.82 -7.36
CA ARG A 728 -34.18 -12.18 -7.78
C ARG A 728 -33.90 -12.40 -9.26
N GLN A 729 -34.21 -11.42 -10.08
CA GLN A 729 -33.97 -11.52 -11.51
C GLN A 729 -32.49 -11.71 -11.85
N ILE A 730 -31.64 -10.97 -11.15
CA ILE A 730 -30.18 -11.09 -11.40
C ILE A 730 -29.65 -12.48 -11.02
N ILE A 731 -30.08 -12.96 -9.86
CA ILE A 731 -29.66 -14.29 -9.40
C ILE A 731 -30.13 -15.36 -10.37
N GLU A 732 -31.34 -15.22 -10.90
CA GLU A 732 -31.82 -16.19 -11.89
C GLU A 732 -31.02 -16.11 -13.18
N GLN A 733 -30.66 -14.91 -13.60
CA GLN A 733 -29.79 -14.74 -14.79
C GLN A 733 -28.42 -15.40 -14.61
N LEU A 734 -27.81 -15.20 -13.46
CA LEU A 734 -26.52 -15.83 -13.13
C LEU A 734 -26.64 -17.37 -13.12
N SER A 735 -27.64 -17.86 -12.43
CA SER A 735 -27.86 -19.30 -12.27
C SER A 735 -28.13 -20.00 -13.60
N SER A 736 -28.85 -19.33 -14.49
CA SER A 736 -29.39 -19.99 -15.69
C SER A 736 -28.45 -19.96 -16.88
N GLY A 737 -27.36 -19.20 -16.81
CA GLY A 737 -26.40 -19.15 -17.91
C GLY A 737 -26.53 -17.95 -18.84
N PHE A 738 -27.25 -16.92 -18.43
CA PHE A 738 -27.42 -15.71 -19.23
C PHE A 738 -26.08 -15.01 -19.52
N PHE A 739 -25.16 -15.04 -18.55
CA PHE A 739 -23.83 -14.47 -18.73
C PHE A 739 -22.73 -15.48 -19.09
N SER A 740 -23.14 -16.73 -19.35
CA SER A 740 -22.19 -17.78 -19.73
C SER A 740 -22.90 -18.85 -20.59
N PRO A 741 -23.34 -18.48 -21.82
CA PRO A 741 -24.21 -19.35 -22.63
C PRO A 741 -23.67 -20.77 -22.86
N LYS A 742 -22.38 -20.88 -23.14
CA LYS A 742 -21.77 -22.18 -23.44
C LYS A 742 -21.47 -23.00 -22.19
N GLN A 743 -21.38 -22.33 -21.04
CA GLN A 743 -21.15 -23.00 -19.77
C GLN A 743 -22.18 -22.50 -18.76
N PRO A 744 -23.43 -22.99 -18.85
CA PRO A 744 -24.51 -22.41 -18.05
C PRO A 744 -24.32 -22.44 -16.52
N ASP A 745 -23.57 -23.39 -16.00
CA ASP A 745 -23.37 -23.48 -14.55
C ASP A 745 -22.07 -22.79 -14.05
N LEU A 746 -21.41 -22.03 -14.91
CA LEU A 746 -20.11 -21.44 -14.62
C LEU A 746 -20.06 -20.66 -13.29
N PHE A 747 -21.14 -19.94 -12.97
CA PHE A 747 -21.15 -19.06 -11.81
C PHE A 747 -21.91 -19.62 -10.59
N LYS A 748 -22.11 -20.92 -10.56
CA LYS A 748 -22.88 -21.54 -9.47
C LYS A 748 -22.21 -21.36 -8.10
N ASP A 749 -20.87 -21.41 -8.05
CA ASP A 749 -20.14 -21.18 -6.81
C ASP A 749 -20.45 -19.78 -6.26
N ILE A 750 -20.53 -18.79 -7.16
CA ILE A 750 -20.83 -17.40 -6.77
C ILE A 750 -22.23 -17.30 -6.20
N VAL A 751 -23.21 -17.86 -6.90
CA VAL A 751 -24.60 -17.86 -6.45
C VAL A 751 -24.74 -18.58 -5.13
N ASN A 752 -24.09 -19.74 -5.03
CA ASN A 752 -24.16 -20.52 -3.81
C ASN A 752 -23.60 -19.75 -2.63
N MET A 753 -22.48 -19.07 -2.83
CA MET A 753 -21.88 -18.28 -1.77
C MET A 753 -22.81 -17.14 -1.33
N LEU A 754 -23.36 -16.41 -2.31
CA LEU A 754 -24.24 -15.27 -2.03
C LEU A 754 -25.51 -15.70 -1.25
N MET A 755 -26.07 -16.83 -1.64
CA MET A 755 -27.32 -17.35 -1.04
C MET A 755 -27.13 -18.04 0.32
N HIS A 756 -25.98 -18.68 0.54
CA HIS A 756 -25.82 -19.52 1.74
C HIS A 756 -24.62 -19.26 2.66
N HIS A 757 -23.56 -18.64 2.17
CA HIS A 757 -22.31 -18.52 2.95
C HIS A 757 -21.63 -17.17 2.77
N ASP A 758 -22.40 -16.09 2.76
CA ASP A 758 -21.82 -14.74 2.52
C ASP A 758 -21.44 -14.04 3.82
N ARG A 759 -20.17 -14.08 4.17
CA ARG A 759 -19.69 -13.40 5.36
C ARG A 759 -19.83 -11.88 5.30
N PHE A 760 -20.00 -11.32 4.09
CA PHE A 760 -19.96 -9.85 3.92
C PHE A 760 -21.29 -9.19 3.49
N LYS A 761 -22.36 -9.97 3.50
CA LYS A 761 -23.71 -9.41 3.52
C LYS A 761 -24.00 -8.50 2.31
N VAL A 762 -23.62 -8.96 1.14
CA VAL A 762 -23.82 -8.24 -0.11
C VAL A 762 -25.29 -7.86 -0.32
N PHE A 763 -26.20 -8.81 -0.17
CA PHE A 763 -27.62 -8.53 -0.37
C PHE A 763 -28.17 -7.50 0.60
N ALA A 764 -27.66 -7.45 1.82
CA ALA A 764 -28.19 -6.55 2.85
C ALA A 764 -28.00 -5.06 2.55
N ASP A 765 -26.99 -4.72 1.73
CA ASP A 765 -26.79 -3.32 1.34
C ASP A 765 -27.25 -3.00 -0.10
N TYR A 766 -27.83 -3.98 -0.79
CA TYR A 766 -28.16 -3.82 -2.22
C TYR A 766 -29.17 -2.70 -2.47
N GLU A 767 -30.28 -2.74 -1.76
CA GLU A 767 -31.35 -1.78 -2.00
C GLU A 767 -30.87 -0.33 -1.75
N GLU A 768 -30.26 -0.09 -0.60
CA GLU A 768 -29.69 1.22 -0.27
C GLU A 768 -28.61 1.69 -1.26
N TYR A 769 -27.79 0.75 -1.76
CA TYR A 769 -26.73 1.06 -2.73
C TYR A 769 -27.30 1.56 -4.06
N VAL A 770 -28.28 0.82 -4.58
CA VAL A 770 -28.94 1.18 -5.84
C VAL A 770 -29.62 2.57 -5.75
N LYS A 771 -30.31 2.82 -4.64
CA LYS A 771 -30.93 4.13 -4.39
C LYS A 771 -29.94 5.25 -4.32
N CYS A 772 -28.83 5.01 -3.62
CA CYS A 772 -27.78 6.00 -3.53
C CYS A 772 -27.15 6.31 -4.91
N GLN A 773 -26.93 5.28 -5.72
CA GLN A 773 -26.45 5.42 -7.10
C GLN A 773 -27.38 6.27 -7.97
N GLU A 774 -28.69 6.17 -7.73
CA GLU A 774 -29.65 7.05 -8.43
C GLU A 774 -29.44 8.51 -8.06
N ARG A 775 -29.12 8.79 -6.79
CA ARG A 775 -28.83 10.15 -6.36
C ARG A 775 -27.52 10.70 -6.98
N VAL A 776 -26.57 9.81 -7.21
CA VAL A 776 -25.35 10.16 -7.94
C VAL A 776 -25.68 10.59 -9.37
N SER A 777 -26.46 9.77 -10.07
CA SER A 777 -26.81 10.05 -11.46
C SER A 777 -27.55 11.40 -11.59
N ALA A 778 -28.40 11.70 -10.61
CA ALA A 778 -29.18 12.94 -10.58
C ALA A 778 -28.26 14.16 -10.47
N LEU A 779 -27.26 14.09 -9.60
CA LEU A 779 -26.33 15.22 -9.43
C LEU A 779 -25.46 15.42 -10.67
N TYR A 780 -25.10 14.31 -11.33
CA TYR A 780 -24.21 14.40 -12.48
C TYR A 780 -24.90 15.12 -13.67
N LYS A 781 -26.23 15.04 -13.74
CA LYS A 781 -27.01 15.82 -14.73
C LYS A 781 -26.92 17.33 -14.59
N ASN A 782 -26.49 17.81 -13.43
CA ASN A 782 -26.27 19.24 -13.19
C ASN A 782 -24.76 19.50 -13.00
N PRO A 783 -24.02 19.62 -14.12
CA PRO A 783 -22.56 19.82 -14.11
C PRO A 783 -22.07 20.83 -13.10
N ARG A 784 -22.77 21.95 -12.98
CA ARG A 784 -22.30 23.02 -12.09
C ARG A 784 -22.35 22.63 -10.61
N GLU A 785 -23.43 21.97 -10.19
CA GLU A 785 -23.56 21.56 -8.79
C GLU A 785 -22.68 20.33 -8.47
N TRP A 786 -22.52 19.44 -9.43
CA TRP A 786 -21.53 18.35 -9.31
C TRP A 786 -20.15 18.96 -9.01
N THR A 787 -19.72 19.93 -9.82
CA THR A 787 -18.40 20.53 -9.66
C THR A 787 -18.26 21.30 -8.37
N ARG A 788 -19.31 21.95 -7.89
CA ARG A 788 -19.19 22.64 -6.61
C ARG A 788 -18.95 21.66 -5.46
N MET A 789 -19.63 20.54 -5.49
CA MET A 789 -19.44 19.51 -4.46
C MET A 789 -18.02 18.94 -4.52
N VAL A 790 -17.52 18.77 -5.74
CA VAL A 790 -16.11 18.34 -5.94
C VAL A 790 -15.19 19.34 -5.25
N ILE A 791 -15.39 20.64 -5.50
CA ILE A 791 -14.54 21.64 -4.88
C ILE A 791 -14.57 21.51 -3.37
N ARG A 792 -15.73 21.20 -2.80
CA ARG A 792 -15.86 21.05 -1.34
CA ARG A 792 -15.84 21.07 -1.34
C ARG A 792 -15.08 19.83 -0.85
N ASN A 793 -14.97 18.80 -1.69
CA ASN A 793 -14.16 17.61 -1.34
C ASN A 793 -12.65 17.93 -1.43
N ILE A 794 -12.21 18.46 -2.55
CA ILE A 794 -10.78 18.77 -2.70
C ILE A 794 -10.30 19.69 -1.59
N ALA A 795 -11.13 20.70 -1.30
CA ALA A 795 -10.78 21.71 -0.31
C ALA A 795 -10.65 21.18 1.10
N THR A 796 -11.28 20.04 1.41
CA THR A 796 -11.23 19.47 2.76
C THR A 796 -10.40 18.16 2.83
N SER A 797 -9.62 17.89 1.79
CA SER A 797 -8.75 16.68 1.74
C SER A 797 -7.43 16.79 2.53
N GLY A 798 -7.11 17.97 3.05
CA GLY A 798 -5.82 18.21 3.69
C GLY A 798 -5.43 17.28 4.81
N LYS A 799 -6.40 16.88 5.65
CA LYS A 799 -6.11 15.97 6.77
C LYS A 799 -5.44 14.67 6.29
N PHE A 800 -5.67 14.33 5.02
CA PHE A 800 -5.26 13.01 4.51
C PHE A 800 -3.90 12.99 3.83
N SER A 801 -3.12 14.05 4.04
CA SER A 801 -1.73 14.07 3.68
C SER A 801 -0.96 13.16 4.62
N SER A 802 -0.08 12.34 4.05
CA SER A 802 0.81 11.53 4.90
C SER A 802 1.82 12.38 5.67
N ASP A 803 1.99 13.68 5.32
CA ASP A 803 2.78 14.58 6.15
C ASP A 803 2.12 14.77 7.52
N ARG A 804 0.79 14.81 7.56
CA ARG A 804 0.08 14.93 8.83
C ARG A 804 0.26 13.64 9.63
N THR A 805 0.05 12.50 8.97
CA THR A 805 0.20 11.20 9.59
C THR A 805 1.61 11.07 10.23
N ILE A 806 2.65 11.34 9.46
CA ILE A 806 4.01 11.16 9.96
C ILE A 806 4.35 12.13 11.08
N ALA A 807 3.84 13.36 11.00
CA ALA A 807 4.08 14.31 12.09
C ALA A 807 3.51 13.73 13.39
N GLN A 808 2.37 13.02 13.31
CA GLN A 808 1.77 12.44 14.50
C GLN A 808 2.55 11.23 15.02
N TYR A 809 3.01 10.35 14.14
CA TYR A 809 3.95 9.29 14.58
C TYR A 809 5.20 9.88 15.25
N ALA A 810 5.77 10.91 14.62
CA ALA A 810 6.98 11.51 15.16
C ALA A 810 6.79 12.02 16.58
N ARG A 811 5.72 12.79 16.80
CA ARG A 811 5.51 13.43 18.10
C ARG A 811 4.95 12.49 19.14
N GLU A 812 4.03 11.60 18.75
CA GLU A 812 3.30 10.79 19.73
C GLU A 812 3.87 9.38 19.95
N ILE A 813 4.71 8.89 19.04
CA ILE A 813 5.30 7.56 19.18
C ILE A 813 6.84 7.61 19.23
N TRP A 814 7.47 8.26 18.25
CA TRP A 814 8.93 8.19 18.11
C TRP A 814 9.69 9.19 18.98
N GLY A 815 9.00 10.27 19.37
CA GLY A 815 9.57 11.28 20.26
C GLY A 815 10.62 12.13 19.56
N VAL A 816 10.32 12.53 18.33
CA VAL A 816 11.19 13.42 17.54
C VAL A 816 10.35 14.51 16.92
N GLU A 817 10.98 15.66 16.67
CA GLU A 817 10.28 16.81 16.12
C GLU A 817 10.53 16.89 14.61
N PRO A 818 9.46 17.00 13.81
CA PRO A 818 9.64 17.24 12.37
C PRO A 818 10.26 18.61 12.08
N SER A 819 10.69 18.82 10.85
CA SER A 819 11.30 20.09 10.45
C SER A 819 11.11 20.33 8.95
N ARG A 820 10.72 21.54 8.58
CA ARG A 820 10.57 21.91 7.17
C ARG A 820 11.80 22.68 6.62
N GLN A 821 12.84 22.82 7.44
CA GLN A 821 14.04 23.56 7.03
C GLN A 821 14.89 22.83 5.99
N ARG A 822 15.22 23.55 4.92
CA ARG A 822 16.19 23.15 3.90
C ARG A 822 17.55 22.80 4.50
N LEU A 823 18.17 21.73 4.00
CA LEU A 823 19.63 21.57 4.10
C LEU A 823 20.24 22.37 2.95
N PRO A 824 21.50 22.80 3.09
CA PRO A 824 22.12 23.59 2.02
C PRO A 824 22.54 22.77 0.80
N ALA A 825 22.34 23.34 -0.39
CA ALA A 825 22.85 22.75 -1.64
C ALA A 825 24.24 23.34 -1.90
C14 26W B . -0.27 -12.73 6.10
C13 26W B . -0.70 -12.22 4.71
C10 26W B . -0.94 -10.82 4.71
C11 26W B . -0.22 -9.96 3.88
C12 26W B . -0.48 -8.59 3.89
C9 26W B . -1.91 -10.28 5.55
C8 26W B . -2.17 -8.91 5.57
C7 26W B . -1.44 -8.06 4.74
C5 26W B . -1.70 -6.65 4.76
C6 26W B . -1.80 -6.15 6.19
C4 26W B . -2.97 -6.40 3.99
C2 26W B . -3.17 -4.88 3.75
O3 26W B . -2.60 -4.36 2.80
N1 26W B . -4.04 -4.23 4.54
C1' 26W B . -4.35 -2.80 4.28
O5' 26W B . -3.48 -1.85 4.93
C5' 26W B . -3.73 -0.53 4.42
C6' 26W B . -2.70 0.44 4.98
O6' 26W B . -2.95 0.61 6.39
C4' 26W B . -5.22 -0.08 4.76
O4' 26W B . -5.51 1.20 4.19
C3' 26W B . -6.24 -1.09 4.28
O3' 26W B . -7.53 -0.79 4.86
C2' 26W B . -5.80 -2.53 4.70
O2' 26W B . -6.67 -3.50 4.14
#